data_6R3P
#
_entry.id   6R3P
#
_cell.length_a   174.490
_cell.length_b   174.490
_cell.length_c   179.570
_cell.angle_alpha   90.00
_cell.angle_beta   90.00
_cell.angle_gamma   90.00
#
_symmetry.space_group_name_H-M   'I 4 2 2'
#
loop_
_entity.id
_entity.type
_entity.pdbx_description
1 polymer 'Meiotic recombination protein DMC1/LIM15 homolog'
2 non-polymer 1,2-ETHANEDIOL
3 non-polymer DI(HYDROXYETHYL)ETHER
4 non-polymer 'TETRAETHYLENE GLYCOL'
5 non-polymer 'HEXAETHYLENE GLYCOL'
6 non-polymer 'PENTAETHYLENE GLYCOL'
7 water water
#
_entity_poly.entity_id   1
_entity_poly.type   'polypeptide(L)'
_entity_poly.pdbx_seq_one_letter_code
;GSMPGFLTAFEYSEKRKMVFHITTGSQEFDKLLGGGIESMAITEAFGEFRTGKTQLSHTLCVTAQLPGAGGYPGGKIIFI
DTENTFRPDRLRDIADRFNVDHDAVLDNVLYARAYTSEHQMELLDYVAAKFHEEAGIFKLLIIDSIMALFRVDFSGRGEL
AERQQKLAQMLSRLQKISEEYNVAVFVTNQMTADPGATMTFQADPKKPIGGHILAHASTTRISLRKGRGELRIAKIYDSP
EMPENEATFAITAGGIGDAKE
;
_entity_poly.pdbx_strand_id   A,B,C,D
#
loop_
_chem_comp.id
_chem_comp.type
_chem_comp.name
_chem_comp.formula
1PE non-polymer 'PENTAETHYLENE GLYCOL' 'C10 H22 O6'
EDO non-polymer 1,2-ETHANEDIOL 'C2 H6 O2'
P6G non-polymer 'HEXAETHYLENE GLYCOL' 'C12 H26 O7'
PEG non-polymer DI(HYDROXYETHYL)ETHER 'C4 H10 O3'
PG4 non-polymer 'TETRAETHYLENE GLYCOL' 'C8 H18 O5'
#
# COMPACT_ATOMS: atom_id res chain seq x y z
N MET A 3 25.81 -21.68 2.15
CA MET A 3 25.61 -23.12 2.30
C MET A 3 24.70 -23.69 1.21
N PRO A 4 24.70 -25.01 1.05
CA PRO A 4 23.79 -25.66 0.11
C PRO A 4 22.39 -25.80 0.72
N GLY A 5 21.44 -25.05 0.17
CA GLY A 5 20.08 -25.07 0.67
C GLY A 5 19.78 -24.07 1.77
N PHE A 6 20.77 -23.27 2.19
CA PHE A 6 20.62 -22.32 3.26
C PHE A 6 20.72 -20.89 2.72
N LEU A 7 19.99 -19.99 3.36
CA LEU A 7 20.12 -18.56 3.14
C LEU A 7 20.63 -17.90 4.42
N THR A 8 21.31 -16.77 4.26
CA THR A 8 21.56 -15.91 5.41
C THR A 8 20.24 -15.33 5.90
N ALA A 9 20.20 -14.94 7.17
CA ALA A 9 19.00 -14.29 7.69
C ALA A 9 18.70 -13.01 6.93
N PHE A 10 19.73 -12.35 6.38
CA PHE A 10 19.51 -11.14 5.60
C PHE A 10 18.78 -11.44 4.31
N GLU A 11 19.26 -12.43 3.55
CA GLU A 11 18.57 -12.84 2.34
C GLU A 11 17.13 -13.24 2.64
N TYR A 12 16.91 -13.98 3.73
CA TYR A 12 15.55 -14.37 4.08
C TYR A 12 14.73 -13.14 4.47
N SER A 13 15.35 -12.17 5.16
CA SER A 13 14.65 -10.94 5.49
C SER A 13 14.19 -10.22 4.23
N GLU A 14 15.07 -10.11 3.23
CA GLU A 14 14.69 -9.49 1.97
C GLU A 14 13.51 -10.23 1.34
N LYS A 15 13.49 -11.56 1.46
CA LYS A 15 12.38 -12.33 0.90
C LYS A 15 11.09 -12.04 1.66
N ARG A 16 11.16 -11.95 2.99
CA ARG A 16 9.96 -11.73 3.78
C ARG A 16 9.45 -10.29 3.66
N LYS A 17 10.29 -9.34 3.29
CA LYS A 17 9.83 -7.96 3.12
C LYS A 17 8.76 -7.85 2.05
N MET A 18 8.64 -8.85 1.18
N MET A 18 8.63 -8.84 1.17
CA MET A 18 7.63 -8.90 0.13
CA MET A 18 7.59 -8.83 0.16
C MET A 18 6.31 -9.50 0.61
C MET A 18 6.32 -9.55 0.58
N VAL A 19 6.25 -10.00 1.85
CA VAL A 19 5.03 -10.65 2.32
C VAL A 19 3.89 -9.64 2.34
N PHE A 20 2.70 -10.09 1.97
CA PHE A 20 1.54 -9.23 1.90
C PHE A 20 0.35 -9.88 2.61
N HIS A 21 -0.70 -9.09 2.79
CA HIS A 21 -1.96 -9.54 3.36
C HIS A 21 -3.08 -9.15 2.41
N ILE A 22 -4.08 -10.03 2.31
CA ILE A 22 -5.26 -9.77 1.49
C ILE A 22 -6.44 -9.56 2.44
N THR A 23 -7.06 -8.38 2.38
CA THR A 23 -8.16 -8.07 3.27
C THR A 23 -9.29 -9.07 3.09
N THR A 24 -9.91 -9.45 4.21
CA THR A 24 -11.07 -10.32 4.20
C THR A 24 -12.37 -9.57 3.86
N GLY A 25 -12.32 -8.24 3.80
CA GLY A 25 -13.52 -7.44 3.72
C GLY A 25 -14.02 -6.95 5.06
N SER A 26 -13.50 -7.49 6.17
CA SER A 26 -13.89 -7.10 7.52
C SER A 26 -12.67 -6.54 8.24
N GLN A 27 -12.83 -5.33 8.79
CA GLN A 27 -11.72 -4.70 9.49
C GLN A 27 -11.33 -5.49 10.74
N GLU A 28 -12.32 -5.94 11.52
CA GLU A 28 -12.02 -6.69 12.73
C GLU A 28 -11.37 -8.03 12.41
N PHE A 29 -11.91 -8.73 11.41
CA PHE A 29 -11.28 -9.96 10.95
C PHE A 29 -9.85 -9.71 10.52
N ASP A 30 -9.61 -8.62 9.78
CA ASP A 30 -8.26 -8.30 9.31
C ASP A 30 -7.32 -8.07 10.49
N LYS A 31 -7.76 -7.31 11.49
CA LYS A 31 -6.94 -7.11 12.68
C LYS A 31 -6.59 -8.43 13.34
N LEU A 32 -7.57 -9.33 13.45
CA LEU A 32 -7.32 -10.65 14.02
C LEU A 32 -6.21 -11.37 13.26
N LEU A 33 -6.14 -11.17 11.94
CA LEU A 33 -5.18 -11.86 11.10
C LEU A 33 -3.90 -11.05 10.89
N GLY A 34 -3.78 -9.87 11.47
CA GLY A 34 -2.62 -9.04 11.23
C GLY A 34 -2.62 -8.35 9.90
N GLY A 35 -3.79 -8.14 9.29
CA GLY A 35 -3.89 -7.45 8.02
C GLY A 35 -4.76 -8.17 7.02
N GLY A 36 -4.89 -9.48 7.17
CA GLY A 36 -5.69 -10.28 6.26
C GLY A 36 -4.99 -11.60 5.99
N ILE A 37 -5.40 -12.25 4.90
CA ILE A 37 -4.83 -13.53 4.51
C ILE A 37 -3.38 -13.30 4.07
N GLU A 38 -2.45 -13.99 4.72
CA GLU A 38 -1.03 -13.70 4.62
C GLU A 38 -0.37 -14.57 3.54
N SER A 39 0.56 -13.98 2.80
CA SER A 39 1.32 -14.71 1.81
C SER A 39 2.46 -15.48 2.47
N MET A 40 3.06 -16.39 1.70
CA MET A 40 4.07 -17.31 2.21
C MET A 40 3.54 -18.14 3.37
N ALA A 41 2.25 -18.48 3.32
CA ALA A 41 1.61 -19.22 4.41
C ALA A 41 0.31 -19.84 3.92
N ILE A 42 -0.11 -20.88 4.64
CA ILE A 42 -1.43 -21.48 4.48
C ILE A 42 -2.30 -21.02 5.63
N THR A 43 -3.48 -20.49 5.30
CA THR A 43 -4.50 -20.14 6.29
C THR A 43 -5.70 -21.05 6.10
N GLU A 44 -6.12 -21.70 7.18
CA GLU A 44 -7.19 -22.68 7.17
C GLU A 44 -8.39 -22.12 7.92
N ALA A 45 -9.58 -22.23 7.31
CA ALA A 45 -10.83 -21.84 7.95
C ALA A 45 -11.76 -23.04 8.00
N PHE A 46 -12.26 -23.34 9.19
CA PHE A 46 -13.15 -24.48 9.36
C PHE A 46 -14.32 -24.07 10.25
N GLY A 47 -15.44 -24.77 10.08
CA GLY A 47 -16.63 -24.49 10.85
C GLY A 47 -17.79 -25.28 10.29
N GLU A 48 -18.95 -25.05 10.89
CA GLU A 48 -20.17 -25.72 10.47
C GLU A 48 -20.77 -25.02 9.26
N PHE A 49 -21.92 -25.50 8.83
CA PHE A 49 -22.58 -24.96 7.64
C PHE A 49 -23.07 -23.54 7.91
N ARG A 50 -22.90 -22.67 6.90
CA ARG A 50 -23.33 -21.27 6.99
C ARG A 50 -22.61 -20.54 8.12
N THR A 51 -21.31 -20.78 8.25
CA THR A 51 -20.48 -20.04 9.19
C THR A 51 -19.63 -18.97 8.51
N GLY A 52 -19.50 -19.01 7.19
CA GLY A 52 -18.81 -17.97 6.45
C GLY A 52 -17.72 -18.47 5.52
N LYS A 53 -17.44 -19.77 5.54
CA LYS A 53 -16.36 -20.33 4.73
C LYS A 53 -16.54 -19.96 3.26
N THR A 54 -17.73 -20.19 2.72
CA THR A 54 -17.96 -19.92 1.30
C THR A 54 -17.98 -18.44 1.01
N GLN A 55 -18.57 -17.63 1.91
CA GLN A 55 -18.57 -16.19 1.71
C GLN A 55 -17.15 -15.64 1.73
N LEU A 56 -16.30 -16.17 2.61
CA LEU A 56 -14.91 -15.72 2.68
C LEU A 56 -14.16 -16.12 1.41
N SER A 57 -14.33 -17.36 0.96
CA SER A 57 -13.70 -17.79 -0.29
C SER A 57 -14.07 -16.87 -1.44
N HIS A 58 -15.36 -16.59 -1.61
CA HIS A 58 -15.81 -15.75 -2.71
C HIS A 58 -15.36 -14.30 -2.52
N THR A 59 -15.44 -13.79 -1.29
CA THR A 59 -15.00 -12.42 -1.06
C THR A 59 -13.53 -12.25 -1.42
N LEU A 60 -12.69 -13.21 -1.05
CA LEU A 60 -11.27 -13.12 -1.36
C LEU A 60 -11.03 -13.14 -2.87
N CYS A 61 -11.90 -13.80 -3.64
CA CYS A 61 -11.77 -13.77 -5.08
C CYS A 61 -11.81 -12.35 -5.62
N VAL A 62 -12.50 -11.44 -4.92
CA VAL A 62 -12.58 -10.05 -5.36
C VAL A 62 -11.51 -9.19 -4.69
N THR A 63 -11.34 -9.33 -3.36
CA THR A 63 -10.42 -8.45 -2.65
C THR A 63 -8.96 -8.70 -3.05
N ALA A 64 -8.63 -9.93 -3.46
CA ALA A 64 -7.27 -10.21 -3.90
C ALA A 64 -6.92 -9.44 -5.16
N GLN A 65 -7.91 -8.90 -5.87
CA GLN A 65 -7.67 -8.16 -7.09
C GLN A 65 -7.52 -6.66 -6.85
N LEU A 66 -7.74 -6.18 -5.63
CA LEU A 66 -7.78 -4.76 -5.35
C LEU A 66 -6.47 -4.28 -4.72
N PRO A 67 -5.92 -3.15 -5.13
CA PRO A 67 -4.81 -2.56 -4.38
C PRO A 67 -5.21 -2.36 -2.93
N GLY A 68 -4.28 -2.64 -2.02
CA GLY A 68 -4.61 -2.61 -0.61
C GLY A 68 -3.51 -2.13 0.30
N ALA A 69 -3.69 -2.34 1.59
CA ALA A 69 -2.76 -1.86 2.60
C ALA A 69 -1.41 -2.55 2.45
N GLY A 70 -0.37 -1.91 3.00
CA GLY A 70 0.96 -2.48 2.96
C GLY A 70 1.53 -2.63 1.58
N GLY A 71 1.07 -1.83 0.62
CA GLY A 71 1.57 -1.90 -0.73
C GLY A 71 1.09 -3.08 -1.54
N TYR A 72 0.02 -3.75 -1.10
CA TYR A 72 -0.51 -4.88 -1.86
C TYR A 72 -1.05 -4.38 -3.19
N PRO A 73 -0.55 -4.88 -4.32
CA PRO A 73 -0.97 -4.34 -5.62
C PRO A 73 -2.18 -5.01 -6.25
N GLY A 74 -2.67 -6.11 -5.68
CA GLY A 74 -3.68 -6.90 -6.33
C GLY A 74 -3.08 -7.85 -7.35
N GLY A 75 -3.85 -8.88 -7.67
CA GLY A 75 -3.39 -9.89 -8.61
C GLY A 75 -4.48 -10.87 -8.93
N LYS A 76 -4.08 -12.01 -9.51
CA LYS A 76 -5.02 -13.03 -9.95
C LYS A 76 -5.14 -14.14 -8.90
N ILE A 77 -6.15 -14.98 -9.09
CA ILE A 77 -6.55 -15.97 -8.12
C ILE A 77 -6.73 -17.31 -8.82
N ILE A 78 -6.35 -18.39 -8.14
CA ILE A 78 -6.65 -19.74 -8.58
C ILE A 78 -7.55 -20.37 -7.53
N PHE A 79 -8.63 -21.00 -7.99
CA PHE A 79 -9.66 -21.55 -7.12
C PHE A 79 -9.85 -23.02 -7.48
N ILE A 80 -9.52 -23.93 -6.55
CA ILE A 80 -9.77 -25.35 -6.73
C ILE A 80 -10.97 -25.72 -5.88
N ASP A 81 -11.98 -26.33 -6.51
CA ASP A 81 -13.29 -26.53 -5.92
C ASP A 81 -13.56 -28.03 -5.82
N THR A 82 -13.57 -28.54 -4.58
CA THR A 82 -13.92 -29.94 -4.33
C THR A 82 -15.35 -30.11 -3.86
N GLU A 83 -16.06 -29.02 -3.57
CA GLU A 83 -17.39 -29.08 -2.99
C GLU A 83 -18.51 -28.72 -3.96
N ASN A 84 -18.18 -28.26 -5.16
CA ASN A 84 -19.19 -27.84 -6.13
C ASN A 84 -19.96 -26.62 -5.62
N THR A 85 -19.23 -25.67 -5.02
CA THR A 85 -19.84 -24.51 -4.37
C THR A 85 -19.48 -23.17 -5.01
N PHE A 86 -18.49 -23.13 -5.91
CA PHE A 86 -18.11 -21.87 -6.52
C PHE A 86 -19.22 -21.35 -7.42
N ARG A 87 -19.58 -20.07 -7.23
CA ARG A 87 -20.66 -19.44 -7.97
C ARG A 87 -20.20 -18.06 -8.41
N PRO A 88 -19.85 -17.88 -9.69
CA PRO A 88 -19.47 -16.54 -10.17
C PRO A 88 -20.48 -15.45 -9.84
N ASP A 89 -21.77 -15.77 -9.77
CA ASP A 89 -22.77 -14.74 -9.54
C ASP A 89 -22.58 -14.05 -8.18
N ARG A 90 -22.14 -14.81 -7.17
CA ARG A 90 -21.75 -14.19 -5.91
C ARG A 90 -20.67 -13.14 -6.13
N LEU A 91 -19.71 -13.44 -7.01
CA LEU A 91 -18.64 -12.47 -7.27
C LEU A 91 -19.17 -11.19 -7.89
N ARG A 92 -20.26 -11.28 -8.67
CA ARG A 92 -20.86 -10.09 -9.26
C ARG A 92 -21.40 -9.16 -8.17
N ASP A 93 -22.09 -9.72 -7.18
CA ASP A 93 -22.58 -8.90 -6.08
C ASP A 93 -21.44 -8.31 -5.26
N ILE A 94 -20.39 -9.10 -5.01
CA ILE A 94 -19.26 -8.59 -4.25
C ILE A 94 -18.49 -7.55 -5.05
N ALA A 95 -18.34 -7.77 -6.35
CA ALA A 95 -17.72 -6.77 -7.20
C ALA A 95 -18.50 -5.46 -7.17
N ASP A 96 -19.83 -5.54 -7.20
CA ASP A 96 -20.66 -4.34 -7.08
C ASP A 96 -20.32 -3.57 -5.81
N ARG A 97 -20.23 -4.28 -4.68
CA ARG A 97 -19.90 -3.63 -3.42
C ARG A 97 -18.59 -2.86 -3.53
N PHE A 98 -17.56 -3.47 -4.12
CA PHE A 98 -16.26 -2.84 -4.24
C PHE A 98 -16.13 -1.97 -5.48
N ASN A 99 -17.22 -1.78 -6.24
CA ASN A 99 -17.24 -0.85 -7.37
C ASN A 99 -16.19 -1.23 -8.41
N VAL A 100 -16.23 -2.48 -8.84
CA VAL A 100 -15.34 -2.97 -9.89
C VAL A 100 -16.15 -3.77 -10.90
N ASP A 101 -15.65 -3.81 -12.14
CA ASP A 101 -16.37 -4.44 -13.23
C ASP A 101 -16.49 -5.95 -13.00
N HIS A 102 -17.65 -6.50 -13.39
CA HIS A 102 -17.87 -7.93 -13.22
C HIS A 102 -16.93 -8.75 -14.09
N ASP A 103 -16.90 -8.46 -15.39
CA ASP A 103 -16.13 -9.29 -16.32
C ASP A 103 -14.64 -9.24 -16.03
N ALA A 104 -14.14 -8.09 -15.57
CA ALA A 104 -12.73 -8.02 -15.18
C ALA A 104 -12.46 -8.91 -13.97
N VAL A 105 -13.34 -8.87 -12.97
CA VAL A 105 -13.20 -9.74 -11.81
C VAL A 105 -13.19 -11.20 -12.25
N LEU A 106 -14.12 -11.58 -13.14
CA LEU A 106 -14.24 -12.97 -13.53
C LEU A 106 -13.06 -13.44 -14.38
N ASP A 107 -12.47 -12.54 -15.18
N ASP A 107 -12.48 -12.54 -15.19
CA ASP A 107 -11.33 -12.91 -16.01
CA ASP A 107 -11.33 -12.91 -16.01
C ASP A 107 -10.07 -13.16 -15.19
C ASP A 107 -10.09 -13.19 -15.17
N ASN A 108 -10.01 -12.64 -13.96
CA ASN A 108 -8.82 -12.76 -13.12
C ASN A 108 -8.87 -13.93 -12.15
N VAL A 109 -9.88 -14.80 -12.24
CA VAL A 109 -9.99 -15.98 -11.40
C VAL A 109 -9.93 -17.20 -12.31
N LEU A 110 -8.93 -18.06 -12.08
CA LEU A 110 -8.86 -19.35 -12.75
C LEU A 110 -9.47 -20.41 -11.83
N TYR A 111 -10.23 -21.32 -12.42
CA TYR A 111 -11.10 -22.21 -11.67
C TYR A 111 -11.00 -23.63 -12.19
N ALA A 112 -10.99 -24.59 -11.27
CA ALA A 112 -11.03 -26.01 -11.63
C ALA A 112 -11.73 -26.79 -10.54
N ARG A 113 -12.55 -27.75 -10.96
CA ARG A 113 -13.11 -28.74 -10.06
C ARG A 113 -12.13 -29.90 -9.89
N ALA A 114 -12.03 -30.42 -8.68
CA ALA A 114 -11.33 -31.67 -8.40
C ALA A 114 -12.35 -32.73 -8.02
N TYR A 115 -12.25 -33.90 -8.66
CA TYR A 115 -13.18 -34.99 -8.42
C TYR A 115 -12.56 -36.15 -7.64
N THR A 116 -11.25 -36.18 -7.51
CA THR A 116 -10.56 -37.18 -6.71
C THR A 116 -9.34 -36.53 -6.06
N SER A 117 -8.80 -37.19 -5.03
CA SER A 117 -7.62 -36.64 -4.37
C SER A 117 -6.42 -36.64 -5.30
N GLU A 118 -6.28 -37.68 -6.12
CA GLU A 118 -5.22 -37.70 -7.13
C GLU A 118 -5.38 -36.57 -8.12
N HIS A 119 -6.62 -36.30 -8.54
CA HIS A 119 -6.88 -35.15 -9.40
C HIS A 119 -6.50 -33.85 -8.73
N GLN A 120 -6.83 -33.70 -7.44
CA GLN A 120 -6.49 -32.49 -6.71
C GLN A 120 -4.99 -32.27 -6.69
N MET A 121 -4.21 -33.32 -6.49
CA MET A 121 -2.76 -33.18 -6.46
C MET A 121 -2.20 -32.85 -7.83
N GLU A 122 -2.74 -33.48 -8.89
CA GLU A 122 -2.34 -33.13 -10.24
C GLU A 122 -2.62 -31.66 -10.53
N LEU A 123 -3.78 -31.16 -10.10
CA LEU A 123 -4.11 -29.75 -10.31
C LEU A 123 -3.09 -28.84 -9.64
N LEU A 124 -2.62 -29.21 -8.46
CA LEU A 124 -1.65 -28.37 -7.75
C LEU A 124 -0.30 -28.36 -8.46
N ASP A 125 0.06 -29.46 -9.14
CA ASP A 125 1.27 -29.45 -9.95
C ASP A 125 1.12 -28.49 -11.13
N TYR A 126 -0.06 -28.44 -11.74
CA TYR A 126 -0.31 -27.45 -12.78
C TYR A 126 -0.25 -26.04 -12.23
N VAL A 127 -0.74 -25.85 -11.00
CA VAL A 127 -0.70 -24.52 -10.38
C VAL A 127 0.73 -24.05 -10.22
N ALA A 128 1.61 -24.92 -9.73
CA ALA A 128 3.02 -24.57 -9.61
C ALA A 128 3.58 -24.11 -10.94
N ALA A 129 3.23 -24.81 -12.03
CA ALA A 129 3.68 -24.40 -13.36
C ALA A 129 3.13 -23.04 -13.74
N LYS A 130 1.85 -22.79 -13.47
CA LYS A 130 1.24 -21.52 -13.86
C LYS A 130 1.87 -20.35 -13.11
N PHE A 131 1.97 -20.45 -11.78
CA PHE A 131 2.67 -19.42 -11.02
C PHE A 131 4.05 -19.17 -11.59
N HIS A 132 4.73 -20.24 -12.01
CA HIS A 132 6.09 -20.09 -12.51
C HIS A 132 6.13 -19.41 -13.87
N GLU A 133 5.11 -19.60 -14.71
CA GLU A 133 5.10 -18.98 -16.03
C GLU A 133 5.50 -17.52 -15.95
N GLU A 134 4.96 -16.80 -14.96
CA GLU A 134 5.38 -15.43 -14.70
C GLU A 134 5.02 -15.11 -13.25
N ALA A 135 6.04 -15.03 -12.39
CA ALA A 135 5.79 -14.77 -10.99
C ALA A 135 5.23 -13.37 -10.80
N GLY A 136 4.57 -13.17 -9.65
CA GLY A 136 3.97 -11.90 -9.33
C GLY A 136 2.61 -11.64 -9.95
N ILE A 137 2.15 -12.51 -10.85
CA ILE A 137 0.83 -12.33 -11.44
C ILE A 137 -0.25 -12.82 -10.49
N PHE A 138 -0.11 -14.05 -9.99
CA PHE A 138 -1.09 -14.62 -9.08
C PHE A 138 -0.68 -14.37 -7.63
N LYS A 139 -1.66 -14.01 -6.80
CA LYS A 139 -1.42 -13.70 -5.40
C LYS A 139 -2.12 -14.64 -4.43
N LEU A 140 -3.12 -15.41 -4.89
CA LEU A 140 -3.95 -16.18 -4.00
C LEU A 140 -4.28 -17.53 -4.64
N LEU A 141 -4.11 -18.59 -3.86
CA LEU A 141 -4.58 -19.93 -4.20
C LEU A 141 -5.62 -20.33 -3.16
N ILE A 142 -6.83 -20.66 -3.61
CA ILE A 142 -7.92 -21.11 -2.74
C ILE A 142 -8.16 -22.59 -3.01
N ILE A 143 -8.26 -23.38 -1.95
CA ILE A 143 -8.66 -24.78 -2.04
C ILE A 143 -9.86 -24.96 -1.12
N ASP A 144 -11.03 -25.12 -1.73
CA ASP A 144 -12.30 -25.29 -1.01
C ASP A 144 -12.88 -26.62 -1.48
N SER A 145 -12.61 -27.72 -0.78
CA SER A 145 -11.90 -27.78 0.50
C SER A 145 -10.66 -28.67 0.41
N ILE A 146 -9.85 -28.66 1.48
CA ILE A 146 -8.48 -29.14 1.38
C ILE A 146 -8.43 -30.66 1.38
N MET A 147 -9.28 -31.34 2.15
CA MET A 147 -9.12 -32.79 2.24
C MET A 147 -10.44 -33.55 2.30
N ALA A 148 -11.55 -32.98 1.85
CA ALA A 148 -12.77 -33.76 1.69
C ALA A 148 -12.52 -34.99 0.81
N LEU A 149 -11.79 -34.79 -0.29
CA LEU A 149 -11.55 -35.90 -1.22
C LEU A 149 -10.62 -36.95 -0.65
N PHE A 150 -9.76 -36.60 0.32
CA PHE A 150 -8.93 -37.60 0.98
C PHE A 150 -9.76 -38.45 1.93
N ARG A 151 -10.71 -37.83 2.62
CA ARG A 151 -11.70 -38.61 3.36
C ARG A 151 -12.42 -39.57 2.43
N VAL A 152 -12.78 -39.12 1.23
CA VAL A 152 -13.54 -39.95 0.31
C VAL A 152 -12.70 -41.11 -0.19
N ASP A 153 -11.49 -40.82 -0.69
CA ASP A 153 -10.68 -41.83 -1.35
C ASP A 153 -10.04 -42.82 -0.40
N PHE A 154 -9.99 -42.50 0.91
CA PHE A 154 -9.41 -43.41 1.91
C PHE A 154 -10.32 -43.38 3.15
N SER A 155 -11.52 -43.92 2.99
CA SER A 155 -12.51 -43.91 4.07
C SER A 155 -12.42 -45.12 4.98
N GLY A 156 -12.06 -46.29 4.43
CA GLY A 156 -11.85 -47.46 5.25
C GLY A 156 -10.46 -47.46 5.87
N ARG A 157 -10.39 -47.91 7.11
CA ARG A 157 -9.09 -48.01 7.79
C ARG A 157 -8.30 -49.19 7.24
N GLY A 158 -6.98 -49.11 7.42
CA GLY A 158 -6.04 -49.99 6.76
C GLY A 158 -5.35 -49.33 5.58
N GLU A 159 -6.03 -48.40 4.93
CA GLU A 159 -5.42 -47.51 3.94
C GLU A 159 -5.10 -46.14 4.53
N LEU A 160 -5.24 -45.99 5.84
CA LEU A 160 -5.01 -44.69 6.46
C LEU A 160 -3.56 -44.25 6.31
N ALA A 161 -2.63 -45.20 6.37
CA ALA A 161 -1.22 -44.86 6.17
C ALA A 161 -1.02 -44.16 4.84
N GLU A 162 -1.56 -44.73 3.75
CA GLU A 162 -1.41 -44.13 2.44
C GLU A 162 -2.14 -42.78 2.38
N ARG A 163 -3.30 -42.67 3.02
CA ARG A 163 -3.99 -41.38 3.08
C ARG A 163 -3.11 -40.32 3.71
N GLN A 164 -2.53 -40.63 4.88
CA GLN A 164 -1.70 -39.67 5.58
C GLN A 164 -0.48 -39.29 4.75
N GLN A 165 0.11 -40.26 4.06
CA GLN A 165 1.30 -39.98 3.25
C GLN A 165 0.95 -39.07 2.09
N LYS A 166 -0.12 -39.39 1.36
CA LYS A 166 -0.55 -38.53 0.26
C LYS A 166 -0.94 -37.14 0.76
N LEU A 167 -1.64 -37.08 1.89
CA LEU A 167 -2.04 -35.79 2.44
C LEU A 167 -0.82 -34.96 2.84
N ALA A 168 0.12 -35.58 3.55
CA ALA A 168 1.33 -34.86 3.94
C ALA A 168 2.09 -34.36 2.72
N GLN A 169 2.19 -35.21 1.69
CA GLN A 169 2.91 -34.81 0.48
C GLN A 169 2.26 -33.60 -0.18
N MET A 170 0.94 -33.61 -0.31
CA MET A 170 0.25 -32.47 -0.91
C MET A 170 0.48 -31.21 -0.09
N LEU A 171 0.44 -31.32 1.25
CA LEU A 171 0.53 -30.12 2.08
C LEU A 171 1.95 -29.57 2.14
N SER A 172 2.96 -30.45 2.08
CA SER A 172 4.33 -29.93 1.99
C SER A 172 4.56 -29.23 0.66
N ARG A 173 3.99 -29.77 -0.42
CA ARG A 173 4.03 -29.07 -1.71
C ARG A 173 3.33 -27.71 -1.62
N LEU A 174 2.18 -27.67 -0.94
CA LEU A 174 1.46 -26.40 -0.78
C LEU A 174 2.30 -25.39 -0.02
N GLN A 175 2.92 -25.81 1.08
CA GLN A 175 3.81 -24.91 1.81
C GLN A 175 4.89 -24.36 0.90
N LYS A 176 5.56 -25.24 0.16
CA LYS A 176 6.63 -24.80 -0.73
C LYS A 176 6.10 -23.86 -1.80
N ILE A 177 4.90 -24.12 -2.31
CA ILE A 177 4.31 -23.23 -3.31
C ILE A 177 4.08 -21.85 -2.71
N SER A 178 3.50 -21.80 -1.51
CA SER A 178 3.20 -20.50 -0.90
C SER A 178 4.46 -19.71 -0.62
N GLU A 179 5.52 -20.40 -0.17
CA GLU A 179 6.73 -19.72 0.26
C GLU A 179 7.69 -19.44 -0.89
N GLU A 180 7.73 -20.29 -1.91
CA GLU A 180 8.61 -20.06 -3.04
C GLU A 180 8.11 -18.95 -3.95
N TYR A 181 6.80 -18.89 -4.19
CA TYR A 181 6.22 -17.96 -5.14
C TYR A 181 5.49 -16.79 -4.46
N ASN A 182 5.58 -16.68 -3.14
CA ASN A 182 4.99 -15.58 -2.37
C ASN A 182 3.51 -15.40 -2.73
N VAL A 183 2.73 -16.44 -2.51
CA VAL A 183 1.29 -16.36 -2.65
C VAL A 183 0.66 -16.76 -1.32
N ALA A 184 -0.50 -16.17 -1.05
CA ALA A 184 -1.32 -16.61 0.06
C ALA A 184 -2.11 -17.84 -0.35
N VAL A 185 -2.15 -18.84 0.53
CA VAL A 185 -2.94 -20.05 0.31
C VAL A 185 -4.04 -20.07 1.35
N PHE A 186 -5.29 -20.06 0.88
CA PHE A 186 -6.45 -20.12 1.75
C PHE A 186 -7.20 -21.42 1.49
N VAL A 187 -7.45 -22.19 2.55
CA VAL A 187 -8.13 -23.46 2.40
C VAL A 187 -9.24 -23.56 3.43
N THR A 188 -10.31 -24.24 3.06
CA THR A 188 -11.40 -24.54 3.97
C THR A 188 -11.32 -26.00 4.39
N ASN A 189 -11.92 -26.31 5.54
CA ASN A 189 -11.82 -27.65 6.10
C ASN A 189 -13.10 -27.96 6.87
N GLN A 190 -13.42 -29.25 6.97
CA GLN A 190 -14.59 -29.69 7.71
C GLN A 190 -14.22 -30.05 9.15
N MET A 191 -15.24 -30.28 9.96
CA MET A 191 -15.08 -30.68 11.35
C MET A 191 -15.76 -32.02 11.58
N THR A 192 -15.37 -32.68 12.66
CA THR A 192 -15.93 -33.98 13.01
C THR A 192 -16.10 -34.11 14.52
N LYS A 206 -16.58 -30.86 18.74
CA LYS A 206 -16.09 -30.97 17.37
C LYS A 206 -14.70 -30.37 17.23
N LYS A 207 -13.90 -30.96 16.34
CA LYS A 207 -12.55 -30.51 16.06
C LYS A 207 -12.29 -30.67 14.57
N PRO A 208 -11.40 -29.84 14.00
CA PRO A 208 -11.12 -29.96 12.56
C PRO A 208 -10.45 -31.28 12.24
N ILE A 209 -10.79 -31.83 11.07
CA ILE A 209 -10.20 -33.07 10.60
C ILE A 209 -8.80 -32.79 10.08
N GLY A 210 -8.02 -33.83 9.83
CA GLY A 210 -6.68 -33.72 9.29
C GLY A 210 -5.58 -34.00 10.28
N GLY A 211 -5.87 -33.97 11.58
CA GLY A 211 -4.92 -34.34 12.61
C GLY A 211 -3.66 -33.50 12.57
N HIS A 212 -2.55 -34.11 13.02
CA HIS A 212 -1.28 -33.40 13.12
C HIS A 212 -0.86 -32.85 11.76
N ILE A 213 -1.11 -33.59 10.68
CA ILE A 213 -0.60 -33.20 9.37
C ILE A 213 -1.12 -31.83 8.99
N LEU A 214 -2.45 -31.67 9.00
CA LEU A 214 -3.03 -30.39 8.60
C LEU A 214 -2.78 -29.31 9.64
N ALA A 215 -2.75 -29.67 10.92
CA ALA A 215 -2.41 -28.69 11.96
C ALA A 215 -1.03 -28.10 11.72
N HIS A 216 -0.05 -28.93 11.39
CA HIS A 216 1.31 -28.44 11.18
C HIS A 216 1.42 -27.63 9.89
N ALA A 217 0.76 -28.07 8.82
CA ALA A 217 0.94 -27.43 7.52
C ALA A 217 0.39 -26.00 7.52
N SER A 218 -0.72 -25.76 8.20
CA SER A 218 -1.33 -24.44 8.24
C SER A 218 -0.59 -23.54 9.22
N THR A 219 -0.26 -22.33 8.78
CA THR A 219 0.37 -21.36 9.67
C THR A 219 -0.66 -20.65 10.53
N THR A 220 -1.88 -20.47 10.03
CA THR A 220 -2.96 -19.86 10.80
C THR A 220 -4.22 -20.69 10.60
N ARG A 221 -4.92 -20.97 11.69
CA ARG A 221 -6.16 -21.75 11.66
C ARG A 221 -7.27 -20.95 12.30
N ILE A 222 -8.40 -20.86 11.60
CA ILE A 222 -9.52 -20.01 12.00
C ILE A 222 -10.76 -20.89 12.14
N SER A 223 -11.38 -20.85 13.32
CA SER A 223 -12.69 -21.45 13.52
C SER A 223 -13.76 -20.39 13.32
N LEU A 224 -14.75 -20.70 12.50
CA LEU A 224 -15.87 -19.81 12.24
C LEU A 224 -17.12 -20.39 12.89
N ARG A 225 -17.87 -19.54 13.60
CA ARG A 225 -19.10 -19.97 14.24
C ARG A 225 -20.10 -18.82 14.18
N LYS A 226 -21.37 -19.16 14.44
CA LYS A 226 -22.44 -18.19 14.37
C LYS A 226 -22.49 -17.34 15.64
N GLY A 227 -22.70 -16.04 15.46
CA GLY A 227 -22.88 -15.12 16.56
C GLY A 227 -24.34 -14.79 16.79
N ARG A 228 -24.57 -13.67 17.45
CA ARG A 228 -25.94 -13.24 17.72
C ARG A 228 -26.60 -12.78 16.42
N GLY A 229 -27.86 -13.14 16.27
CA GLY A 229 -28.60 -12.77 15.07
C GLY A 229 -27.89 -13.27 13.82
N GLU A 230 -27.56 -12.34 12.93
CA GLU A 230 -26.95 -12.66 11.65
C GLU A 230 -25.44 -12.50 11.66
N LEU A 231 -24.84 -12.27 12.83
CA LEU A 231 -23.40 -12.05 12.92
C LEU A 231 -22.66 -13.38 12.95
N ARG A 232 -21.38 -13.32 12.59
CA ARG A 232 -20.48 -14.46 12.66
C ARG A 232 -19.28 -14.11 13.54
N ILE A 233 -18.58 -15.14 14.00
CA ILE A 233 -17.43 -14.98 14.87
C ILE A 233 -16.27 -15.81 14.33
N ALA A 234 -15.12 -15.19 14.16
CA ALA A 234 -13.89 -15.86 13.77
C ALA A 234 -12.96 -15.91 14.96
N LYS A 235 -12.32 -17.07 15.18
CA LYS A 235 -11.44 -17.27 16.31
C LYS A 235 -10.20 -18.03 15.89
N ILE A 236 -9.09 -17.76 16.57
CA ILE A 236 -7.86 -18.53 16.38
C ILE A 236 -8.02 -19.88 17.07
N TYR A 237 -7.87 -20.95 16.31
CA TYR A 237 -8.09 -22.28 16.84
C TYR A 237 -7.05 -22.64 17.90
N ASP A 238 -7.49 -23.36 18.93
CA ASP A 238 -6.63 -23.86 20.00
C ASP A 238 -6.01 -22.73 20.82
N SER A 239 -6.57 -21.52 20.74
CA SER A 239 -6.08 -20.39 21.50
C SER A 239 -6.91 -20.20 22.76
N PRO A 240 -6.36 -19.53 23.78
CA PRO A 240 -7.12 -19.33 25.02
C PRO A 240 -8.41 -18.56 24.77
N GLU A 241 -9.34 -18.73 25.70
CA GLU A 241 -10.66 -18.09 25.62
C GLU A 241 -10.51 -16.63 26.04
N MET A 242 -10.18 -15.77 25.08
CA MET A 242 -9.98 -14.36 25.33
C MET A 242 -10.48 -13.55 24.15
N PRO A 243 -10.92 -12.30 24.38
CA PRO A 243 -11.58 -11.57 23.29
C PRO A 243 -10.66 -11.23 22.13
N GLU A 244 -9.40 -10.87 22.41
CA GLU A 244 -8.51 -10.45 21.34
C GLU A 244 -8.33 -11.54 20.29
N ASN A 245 -8.44 -12.80 20.69
CA ASN A 245 -8.34 -13.92 19.75
C ASN A 245 -9.63 -14.16 18.98
N GLU A 246 -10.60 -13.25 19.06
CA GLU A 246 -11.86 -13.40 18.36
C GLU A 246 -12.21 -12.09 17.64
N ALA A 247 -13.02 -12.23 16.59
CA ALA A 247 -13.48 -11.07 15.83
C ALA A 247 -14.89 -11.34 15.34
N THR A 248 -15.71 -10.29 15.34
CA THR A 248 -17.07 -10.34 14.82
C THR A 248 -17.10 -9.77 13.41
N PHE A 249 -17.83 -10.44 12.52
CA PHE A 249 -18.03 -9.94 11.17
C PHE A 249 -19.45 -10.28 10.71
N ALA A 250 -19.84 -9.67 9.60
CA ALA A 250 -21.17 -9.85 9.03
C ALA A 250 -21.05 -10.39 7.61
N ILE A 251 -22.14 -11.03 7.16
CA ILE A 251 -22.24 -11.59 5.83
C ILE A 251 -23.38 -10.89 5.11
N THR A 252 -23.11 -10.43 3.90
CA THR A 252 -24.12 -9.78 3.08
C THR A 252 -23.98 -10.26 1.64
N ALA A 253 -24.90 -9.82 0.78
CA ALA A 253 -24.76 -10.08 -0.64
C ALA A 253 -23.45 -9.53 -1.19
N GLY A 254 -22.90 -8.51 -0.54
CA GLY A 254 -21.61 -7.95 -0.87
C GLY A 254 -20.42 -8.66 -0.29
N GLY A 255 -20.63 -9.79 0.40
CA GLY A 255 -19.55 -10.59 0.91
C GLY A 255 -19.31 -10.39 2.39
N ILE A 256 -18.10 -10.73 2.81
CA ILE A 256 -17.68 -10.55 4.20
C ILE A 256 -17.53 -9.06 4.49
N GLY A 257 -18.15 -8.61 5.57
CA GLY A 257 -18.06 -7.22 5.95
C GLY A 257 -18.08 -7.03 7.46
N ASP A 258 -18.14 -5.77 7.90
CA ASP A 258 -18.14 -5.46 9.32
C ASP A 258 -19.56 -5.38 9.85
N ALA A 259 -19.72 -5.70 11.13
CA ALA A 259 -21.02 -5.56 11.78
C ALA A 259 -21.42 -4.09 11.84
N LYS A 260 -22.71 -3.84 11.62
CA LYS A 260 -23.25 -2.48 11.70
C LYS A 260 -23.81 -2.26 13.09
N GLU A 261 -22.95 -1.81 14.00
CA GLU A 261 -23.32 -1.61 15.39
C GLU A 261 -23.63 -0.14 15.66
N PRO B 4 41.70 -46.88 20.76
CA PRO B 4 40.72 -47.48 19.87
C PRO B 4 39.30 -46.99 20.16
N GLY B 5 38.93 -45.85 19.59
CA GLY B 5 37.67 -45.22 19.90
C GLY B 5 37.59 -44.62 21.30
N PHE B 6 38.64 -44.73 22.09
CA PHE B 6 38.67 -44.24 23.46
C PHE B 6 39.66 -43.10 23.60
N LEU B 7 39.31 -42.14 24.46
CA LEU B 7 40.24 -41.10 24.91
C LEU B 7 40.55 -41.33 26.38
N THR B 8 41.72 -40.85 26.81
CA THR B 8 41.96 -40.75 28.24
C THR B 8 41.08 -39.66 28.83
N ALA B 9 40.80 -39.77 30.13
CA ALA B 9 40.07 -38.72 30.82
C ALA B 9 40.80 -37.38 30.72
N PHE B 10 42.13 -37.42 30.62
CA PHE B 10 42.90 -36.19 30.47
C PHE B 10 42.61 -35.52 29.12
N GLU B 11 42.70 -36.28 28.03
CA GLU B 11 42.37 -35.74 26.71
C GLU B 11 40.94 -35.24 26.68
N TYR B 12 40.01 -35.98 27.26
CA TYR B 12 38.62 -35.53 27.28
C TYR B 12 38.49 -34.24 28.09
N SER B 13 39.25 -34.13 29.18
CA SER B 13 39.25 -32.88 29.94
C SER B 13 39.69 -31.71 29.07
N GLU B 14 40.78 -31.89 28.32
CA GLU B 14 41.23 -30.86 27.40
C GLU B 14 40.12 -30.48 26.43
N LYS B 15 39.33 -31.45 25.99
CA LYS B 15 38.23 -31.17 25.08
C LYS B 15 37.12 -30.38 25.79
N ARG B 16 36.80 -30.77 27.02
CA ARG B 16 35.71 -30.10 27.74
C ARG B 16 36.11 -28.71 28.23
N LYS B 17 37.40 -28.41 28.33
CA LYS B 17 37.82 -27.07 28.74
C LYS B 17 37.37 -26.01 27.75
N MET B 18 37.03 -26.41 26.52
CA MET B 18 36.55 -25.48 25.51
C MET B 18 35.05 -25.30 25.54
N VAL B 19 34.35 -25.97 26.45
CA VAL B 19 32.90 -25.84 26.54
C VAL B 19 32.54 -24.41 26.93
N PHE B 20 31.50 -23.88 26.28
CA PHE B 20 31.05 -22.52 26.52
C PHE B 20 29.55 -22.50 26.75
N HIS B 21 29.06 -21.35 27.22
CA HIS B 21 27.64 -21.11 27.41
C HIS B 21 27.22 -19.88 26.64
N ILE B 22 26.02 -19.91 26.08
CA ILE B 22 25.43 -18.76 25.38
C ILE B 22 24.31 -18.22 26.25
N THR B 23 24.43 -16.96 26.67
CA THR B 23 23.43 -16.38 27.54
C THR B 23 22.06 -16.38 26.88
N THR B 24 21.02 -16.64 27.68
CA THR B 24 19.65 -16.55 27.23
C THR B 24 19.13 -15.12 27.19
N GLY B 25 19.86 -14.17 27.78
CA GLY B 25 19.37 -12.83 27.98
C GLY B 25 18.78 -12.58 29.34
N SER B 26 18.52 -13.63 30.11
CA SER B 26 17.97 -13.52 31.45
C SER B 26 18.99 -14.04 32.45
N GLN B 27 19.28 -13.24 33.49
CA GLN B 27 20.25 -13.64 34.49
C GLN B 27 19.79 -14.90 35.22
N GLU B 28 18.56 -14.89 35.73
CA GLU B 28 18.05 -16.04 36.46
C GLU B 28 18.00 -17.28 35.59
N PHE B 29 17.58 -17.12 34.33
CA PHE B 29 17.56 -18.24 33.39
C PHE B 29 18.96 -18.80 33.19
N ASP B 30 19.95 -17.92 33.03
CA ASP B 30 21.34 -18.38 32.87
C ASP B 30 21.79 -19.17 34.08
N LYS B 31 21.54 -18.65 35.29
CA LYS B 31 21.90 -19.38 36.50
C LYS B 31 21.25 -20.76 36.51
N LEU B 32 19.98 -20.83 36.12
CA LEU B 32 19.30 -22.12 36.03
C LEU B 32 20.07 -23.09 35.13
N LEU B 33 20.69 -22.56 34.08
CA LEU B 33 21.40 -23.40 33.10
C LEU B 33 22.89 -23.50 33.38
N GLY B 34 23.38 -22.87 34.44
CA GLY B 34 24.82 -22.87 34.69
C GLY B 34 25.61 -21.95 33.78
N GLY B 35 25.01 -20.88 33.28
CA GLY B 35 25.70 -19.92 32.44
C GLY B 35 24.96 -19.61 31.16
N GLY B 36 24.14 -20.54 30.68
CA GLY B 36 23.39 -20.36 29.47
C GLY B 36 23.33 -21.65 28.69
N ILE B 37 23.03 -21.54 27.40
CA ILE B 37 22.94 -22.71 26.54
C ILE B 37 24.35 -23.28 26.35
N GLU B 38 24.53 -24.54 26.71
CA GLU B 38 25.86 -25.15 26.83
C GLU B 38 26.25 -25.87 25.53
N SER B 39 27.52 -25.76 25.18
CA SER B 39 28.02 -26.45 24.00
C SER B 39 28.29 -27.92 24.31
N MET B 40 28.52 -28.70 23.26
CA MET B 40 28.68 -30.16 23.37
C MET B 40 27.44 -30.80 24.01
N ALA B 41 26.27 -30.24 23.74
CA ALA B 41 25.05 -30.75 24.35
C ALA B 41 23.85 -30.25 23.58
N ILE B 42 22.75 -31.00 23.73
CA ILE B 42 21.43 -30.62 23.22
C ILE B 42 20.62 -30.09 24.39
N THR B 43 20.07 -28.89 24.24
CA THR B 43 19.13 -28.32 25.20
C THR B 43 17.76 -28.20 24.53
N GLU B 44 16.75 -28.75 25.19
CA GLU B 44 15.40 -28.82 24.66
C GLU B 44 14.48 -27.94 25.48
N ALA B 45 13.69 -27.10 24.80
CA ALA B 45 12.68 -26.28 25.45
C ALA B 45 11.31 -26.64 24.90
N PHE B 46 10.37 -26.95 25.78
CA PHE B 46 9.03 -27.30 25.38
C PHE B 46 8.03 -26.59 26.26
N GLY B 47 6.82 -26.42 25.72
CA GLY B 47 5.77 -25.70 26.40
C GLY B 47 4.64 -25.40 25.45
N GLU B 48 3.63 -24.72 25.96
CA GLU B 48 2.49 -24.34 25.14
C GLU B 48 2.84 -23.06 24.37
N PHE B 49 1.85 -22.47 23.71
CA PHE B 49 2.06 -21.26 22.93
C PHE B 49 2.20 -20.06 23.85
N ARG B 50 3.08 -19.13 23.46
CA ARG B 50 3.37 -17.92 24.23
C ARG B 50 4.03 -18.24 25.57
N THR B 51 4.85 -19.29 25.62
CA THR B 51 5.65 -19.56 26.81
C THR B 51 7.09 -19.07 26.68
N GLY B 52 7.56 -18.80 25.46
CA GLY B 52 8.87 -18.21 25.26
C GLY B 52 9.78 -18.96 24.31
N LYS B 53 9.30 -20.05 23.72
CA LYS B 53 10.14 -20.86 22.84
C LYS B 53 10.69 -20.02 21.69
N THR B 54 9.82 -19.30 20.99
CA THR B 54 10.25 -18.52 19.83
C THR B 54 11.10 -17.33 20.25
N GLN B 55 10.69 -16.65 21.33
CA GLN B 55 11.49 -15.53 21.83
C GLN B 55 12.90 -15.99 22.19
N LEU B 56 13.01 -17.18 22.79
CA LEU B 56 14.32 -17.70 23.16
C LEU B 56 15.15 -18.02 21.93
N SER B 57 14.54 -18.67 20.93
CA SER B 57 15.25 -18.97 19.69
C SER B 57 15.79 -17.70 19.04
N HIS B 58 14.94 -16.68 18.92
CA HIS B 58 15.36 -15.43 18.29
C HIS B 58 16.40 -14.70 19.13
N THR B 59 16.23 -14.72 20.45
CA THR B 59 17.21 -14.06 21.32
C THR B 59 18.59 -14.71 21.16
N LEU B 60 18.64 -16.05 21.13
CA LEU B 60 19.91 -16.73 20.98
C LEU B 60 20.56 -16.43 19.64
N CYS B 61 19.77 -16.12 18.61
CA CYS B 61 20.33 -15.73 17.33
C CYS B 61 21.23 -14.50 17.46
N VAL B 62 20.97 -13.66 18.46
CA VAL B 62 21.76 -12.46 18.69
C VAL B 62 22.84 -12.69 19.73
N THR B 63 22.49 -13.29 20.87
CA THR B 63 23.44 -13.43 21.97
C THR B 63 24.59 -14.37 21.61
N ALA B 64 24.35 -15.35 20.73
CA ALA B 64 25.42 -16.25 20.32
C ALA B 64 26.52 -15.51 19.58
N GLN B 65 26.23 -14.33 19.03
CA GLN B 65 27.22 -13.54 18.31
C GLN B 65 27.98 -12.58 19.21
N LEU B 66 27.61 -12.48 20.49
CA LEU B 66 28.18 -11.50 21.39
C LEU B 66 29.29 -12.11 22.23
N PRO B 67 30.40 -11.39 22.46
CA PRO B 67 31.35 -11.84 23.48
C PRO B 67 30.65 -12.01 24.82
N GLY B 68 31.02 -13.08 25.53
CA GLY B 68 30.35 -13.38 26.79
C GLY B 68 31.28 -13.86 27.87
N ALA B 69 30.71 -14.38 28.96
CA ALA B 69 31.48 -14.84 30.09
C ALA B 69 32.39 -16.00 29.70
N GLY B 70 33.44 -16.20 30.49
CA GLY B 70 34.35 -17.31 30.27
C GLY B 70 35.14 -17.21 29.00
N GLY B 71 35.32 -16.02 28.45
CA GLY B 71 36.08 -15.86 27.22
C GLY B 71 35.35 -16.25 25.97
N TYR B 72 34.03 -16.39 26.02
CA TYR B 72 33.26 -16.74 24.83
C TYR B 72 33.37 -15.60 23.83
N PRO B 73 33.86 -15.85 22.60
CA PRO B 73 34.07 -14.75 21.65
C PRO B 73 32.88 -14.44 20.76
N GLY B 74 31.84 -15.26 20.77
CA GLY B 74 30.75 -15.13 19.82
C GLY B 74 31.04 -15.87 18.53
N GLY B 75 29.98 -16.12 17.77
CA GLY B 75 30.12 -16.84 16.53
C GLY B 75 28.83 -16.83 15.73
N LYS B 76 28.79 -17.71 14.73
CA LYS B 76 27.67 -17.76 13.80
C LYS B 76 26.65 -18.80 14.26
N ILE B 77 25.50 -18.80 13.60
CA ILE B 77 24.36 -19.61 14.00
C ILE B 77 23.75 -20.26 12.76
N ILE B 78 23.27 -21.49 12.93
CA ILE B 78 22.45 -22.17 11.92
C ILE B 78 21.07 -22.38 12.51
N PHE B 79 20.04 -22.05 11.73
CA PHE B 79 18.65 -22.09 12.17
C PHE B 79 17.87 -22.96 11.20
N ILE B 80 17.34 -24.07 11.68
CA ILE B 80 16.47 -24.95 10.89
C ILE B 80 15.04 -24.77 11.39
N ASP B 81 14.15 -24.45 10.46
CA ASP B 81 12.79 -23.99 10.78
C ASP B 81 11.80 -24.98 10.19
N THR B 82 11.15 -25.75 11.05
CA THR B 82 10.10 -26.66 10.64
C THR B 82 8.71 -26.09 10.85
N GLU B 83 8.60 -24.95 11.54
CA GLU B 83 7.31 -24.40 11.93
C GLU B 83 6.93 -23.15 11.16
N ASN B 84 7.82 -22.60 10.34
CA ASN B 84 7.54 -21.37 9.59
C ASN B 84 7.36 -20.20 10.55
N THR B 85 8.24 -20.10 11.55
CA THR B 85 8.14 -19.10 12.60
C THR B 85 9.31 -18.13 12.66
N PHE B 86 10.41 -18.39 11.97
CA PHE B 86 11.56 -17.50 12.02
C PHE B 86 11.23 -16.17 11.35
N ARG B 87 11.53 -15.08 12.05
CA ARG B 87 11.22 -13.73 11.58
C ARG B 87 12.44 -12.84 11.83
N PRO B 88 13.24 -12.57 10.80
CA PRO B 88 14.39 -11.66 10.98
C PRO B 88 14.04 -10.34 11.64
N ASP B 89 12.81 -9.84 11.49
CA ASP B 89 12.47 -8.53 12.05
C ASP B 89 12.56 -8.53 13.57
N ARG B 90 12.25 -9.65 14.23
CA ARG B 90 12.42 -9.72 15.67
C ARG B 90 13.87 -9.46 16.07
N LEU B 91 14.82 -9.94 15.25
CA LEU B 91 16.22 -9.75 15.57
C LEU B 91 16.61 -8.29 15.59
N ARG B 92 15.89 -7.44 14.85
CA ARG B 92 16.19 -6.01 14.83
C ARG B 92 16.08 -5.42 16.24
N ASP B 93 14.95 -5.65 16.90
CA ASP B 93 14.75 -5.15 18.25
C ASP B 93 15.75 -5.75 19.22
N ILE B 94 16.04 -7.05 19.08
CA ILE B 94 16.97 -7.70 19.99
C ILE B 94 18.37 -7.15 19.80
N ALA B 95 18.81 -7.00 18.54
CA ALA B 95 20.11 -6.40 18.27
C ALA B 95 20.17 -4.98 18.81
N ASP B 96 19.10 -4.20 18.64
CA ASP B 96 19.05 -2.87 19.22
C ASP B 96 19.31 -2.91 20.72
N ARG B 97 18.64 -3.82 21.42
CA ARG B 97 18.85 -3.96 22.86
C ARG B 97 20.33 -4.16 23.18
N PHE B 98 20.98 -5.06 22.45
CA PHE B 98 22.39 -5.36 22.69
C PHE B 98 23.33 -4.45 21.93
N ASN B 99 22.81 -3.42 21.25
CA ASN B 99 23.64 -2.39 20.62
C ASN B 99 24.61 -2.99 19.61
N VAL B 100 24.08 -3.79 18.69
CA VAL B 100 24.84 -4.36 17.58
C VAL B 100 24.07 -4.14 16.29
N ASP B 101 24.82 -4.08 15.18
CA ASP B 101 24.23 -3.72 13.90
C ASP B 101 23.27 -4.80 13.41
N HIS B 102 22.18 -4.36 12.78
CA HIS B 102 21.18 -5.28 12.27
C HIS B 102 21.75 -6.19 11.19
N ASP B 103 22.30 -5.58 10.14
CA ASP B 103 22.79 -6.36 9.00
C ASP B 103 23.90 -7.33 9.40
N ALA B 104 24.75 -6.94 10.35
CA ALA B 104 25.77 -7.85 10.83
C ALA B 104 25.16 -9.07 11.51
N VAL B 105 24.15 -8.84 12.35
CA VAL B 105 23.46 -9.96 13.00
C VAL B 105 22.86 -10.89 11.95
N LEU B 106 22.20 -10.32 10.94
CA LEU B 106 21.52 -11.14 9.94
C LEU B 106 22.51 -11.88 9.06
N ASP B 107 23.68 -11.31 8.81
N ASP B 107 23.68 -11.31 8.81
CA ASP B 107 24.68 -11.99 7.97
CA ASP B 107 24.68 -11.98 7.98
C ASP B 107 25.30 -13.19 8.67
C ASP B 107 25.29 -13.20 8.67
N ASN B 108 25.21 -13.28 10.00
CA ASN B 108 25.83 -14.34 10.76
C ASN B 108 24.88 -15.48 11.11
N VAL B 109 23.66 -15.46 10.61
CA VAL B 109 22.70 -16.53 10.82
C VAL B 109 22.41 -17.16 9.46
N LEU B 110 22.63 -18.48 9.37
CA LEU B 110 22.23 -19.25 8.21
C LEU B 110 20.91 -19.93 8.51
N TYR B 111 20.05 -20.02 7.49
CA TYR B 111 18.65 -20.36 7.70
C TYR B 111 18.16 -21.31 6.63
N ALA B 112 17.35 -22.30 7.03
CA ALA B 112 16.72 -23.21 6.09
C ALA B 112 15.40 -23.71 6.65
N ARG B 113 14.39 -23.74 5.80
CA ARG B 113 13.13 -24.41 6.12
C ARG B 113 13.24 -25.89 5.81
N ALA B 114 12.67 -26.71 6.68
CA ALA B 114 12.49 -28.14 6.43
C ALA B 114 11.00 -28.41 6.26
N TYR B 115 10.65 -29.08 5.17
CA TYR B 115 9.26 -29.39 4.85
C TYR B 115 8.89 -30.84 5.09
N THR B 116 9.87 -31.73 5.26
CA THR B 116 9.63 -33.12 5.58
C THR B 116 10.71 -33.58 6.56
N SER B 117 10.46 -34.71 7.24
CA SER B 117 11.46 -35.22 8.18
C SER B 117 12.71 -35.68 7.44
N GLU B 118 12.54 -36.31 6.28
CA GLU B 118 13.69 -36.66 5.45
C GLU B 118 14.49 -35.42 5.08
N HIS B 119 13.81 -34.35 4.70
CA HIS B 119 14.48 -33.08 4.40
C HIS B 119 15.24 -32.56 5.61
N GLN B 120 14.61 -32.62 6.78
CA GLN B 120 15.29 -32.17 8.00
C GLN B 120 16.58 -32.93 8.24
N MET B 121 16.57 -34.25 7.99
CA MET B 121 17.77 -35.06 8.18
C MET B 121 18.83 -34.71 7.14
N GLU B 122 18.42 -34.51 5.89
CA GLU B 122 19.38 -34.07 4.88
C GLU B 122 20.03 -32.75 5.26
N LEU B 123 19.22 -31.80 5.75
CA LEU B 123 19.77 -30.51 6.18
C LEU B 123 20.84 -30.68 7.24
N LEU B 124 20.60 -31.58 8.20
CA LEU B 124 21.58 -31.79 9.26
C LEU B 124 22.86 -32.42 8.73
N ASP B 125 22.77 -33.23 7.69
CA ASP B 125 23.99 -33.74 7.04
C ASP B 125 24.75 -32.61 6.38
N TYR B 126 24.05 -31.68 5.72
CA TYR B 126 24.70 -30.48 5.20
C TYR B 126 25.36 -29.70 6.34
N VAL B 127 24.67 -29.59 7.48
CA VAL B 127 25.20 -28.83 8.61
C VAL B 127 26.51 -29.44 9.09
N ALA B 128 26.55 -30.76 9.22
CA ALA B 128 27.79 -31.42 9.62
C ALA B 128 28.94 -31.03 8.70
N ALA B 129 28.68 -31.00 7.38
CA ALA B 129 29.72 -30.61 6.44
C ALA B 129 30.15 -29.17 6.66
N LYS B 130 29.20 -28.26 6.88
CA LYS B 130 29.56 -26.86 7.07
C LYS B 130 30.40 -26.65 8.32
N PHE B 131 29.98 -27.26 9.44
CA PHE B 131 30.80 -27.19 10.65
C PHE B 131 32.21 -27.69 10.37
N HIS B 132 32.35 -28.70 9.50
CA HIS B 132 33.68 -29.21 9.22
C HIS B 132 34.51 -28.20 8.44
N GLU B 133 33.89 -27.44 7.53
CA GLU B 133 34.64 -26.52 6.68
C GLU B 133 35.67 -25.73 7.50
N GLU B 134 35.26 -25.25 8.66
CA GLU B 134 36.19 -24.60 9.58
C GLU B 134 35.55 -24.57 10.96
N ALA B 135 36.07 -25.38 11.87
CA ALA B 135 35.53 -25.43 13.22
C ALA B 135 35.79 -24.10 13.93
N GLY B 136 34.97 -23.83 14.95
CA GLY B 136 35.09 -22.62 15.72
C GLY B 136 34.40 -21.42 15.11
N ILE B 137 33.92 -21.51 13.88
CA ILE B 137 33.19 -20.40 13.28
C ILE B 137 31.75 -20.38 13.79
N PHE B 138 31.06 -21.52 13.70
CA PHE B 138 29.69 -21.63 14.17
C PHE B 138 29.67 -22.11 15.62
N LYS B 139 28.79 -21.51 16.42
CA LYS B 139 28.68 -21.83 17.83
C LYS B 139 27.32 -22.38 18.24
N LEU B 140 26.29 -22.21 17.42
CA LEU B 140 24.93 -22.57 17.81
C LEU B 140 24.17 -23.14 16.63
N LEU B 141 23.50 -24.26 16.85
CA LEU B 141 22.55 -24.84 15.91
C LEU B 141 21.18 -24.85 16.57
N ILE B 142 20.21 -24.20 15.94
CA ILE B 142 18.84 -24.14 16.43
C ILE B 142 17.98 -25.00 15.52
N ILE B 143 17.12 -25.83 16.13
CA ILE B 143 16.12 -26.60 15.40
C ILE B 143 14.77 -26.33 16.04
N ASP B 144 13.93 -25.57 15.35
CA ASP B 144 12.60 -25.19 15.81
C ASP B 144 11.61 -25.68 14.77
N SER B 145 11.00 -26.87 14.96
CA SER B 145 11.13 -27.72 16.14
C SER B 145 11.71 -29.08 15.76
N ILE B 146 11.98 -29.90 16.78
CA ILE B 146 12.86 -31.05 16.59
C ILE B 146 12.14 -32.19 15.88
N MET B 147 10.85 -32.42 16.17
CA MET B 147 10.21 -33.60 15.61
C MET B 147 8.75 -33.40 15.23
N ALA B 148 8.30 -32.16 15.00
CA ALA B 148 6.96 -31.97 14.47
C ALA B 148 6.81 -32.72 13.14
N LEU B 149 7.83 -32.69 12.29
CA LEU B 149 7.76 -33.33 10.99
C LEU B 149 7.77 -34.85 11.08
N PHE B 150 8.31 -35.41 12.16
CA PHE B 150 8.29 -36.86 12.32
C PHE B 150 6.90 -37.34 12.70
N ARG B 151 6.18 -36.56 13.51
CA ARG B 151 4.77 -36.87 13.74
C ARG B 151 3.97 -36.76 12.46
N VAL B 152 4.32 -35.79 11.60
CA VAL B 152 3.59 -35.59 10.35
C VAL B 152 3.81 -36.78 9.41
N ASP B 153 5.07 -37.17 9.22
CA ASP B 153 5.41 -38.16 8.21
C ASP B 153 5.08 -39.59 8.63
N PHE B 154 4.85 -39.84 9.93
CA PHE B 154 4.52 -41.16 10.44
C PHE B 154 3.39 -41.01 11.46
N SER B 155 2.19 -40.75 10.97
CA SER B 155 1.05 -40.42 11.83
C SER B 155 0.23 -41.64 12.21
N GLY B 156 0.18 -42.66 11.37
CA GLY B 156 -0.56 -43.86 11.70
C GLY B 156 0.16 -44.72 12.72
N ARG B 157 -0.62 -45.52 13.44
CA ARG B 157 -0.08 -46.38 14.50
C ARG B 157 0.58 -47.65 13.97
N GLY B 158 0.86 -47.71 12.67
CA GLY B 158 1.54 -48.87 12.10
C GLY B 158 2.93 -48.55 11.61
N GLU B 159 3.22 -47.27 11.41
CA GLU B 159 4.51 -46.82 10.92
C GLU B 159 5.44 -46.34 12.03
N LEU B 160 5.10 -46.58 13.29
CA LEU B 160 5.87 -45.99 14.38
C LEU B 160 7.28 -46.57 14.46
N ALA B 161 7.46 -47.84 14.11
CA ALA B 161 8.79 -48.45 14.17
C ALA B 161 9.78 -47.64 13.33
N GLU B 162 9.43 -47.35 12.08
CA GLU B 162 10.32 -46.58 11.22
C GLU B 162 10.47 -45.15 11.73
N ARG B 163 9.40 -44.58 12.27
CA ARG B 163 9.48 -43.23 12.83
C ARG B 163 10.52 -43.17 13.96
N GLN B 164 10.42 -44.09 14.92
CA GLN B 164 11.35 -44.10 16.04
C GLN B 164 12.78 -44.33 15.56
N GLN B 165 12.97 -45.21 14.58
CA GLN B 165 14.31 -45.47 14.07
C GLN B 165 14.90 -44.23 13.42
N LYS B 166 14.12 -43.58 12.55
CA LYS B 166 14.58 -42.35 11.91
C LYS B 166 14.85 -41.26 12.95
N LEU B 167 13.97 -41.13 13.94
CA LEU B 167 14.15 -40.11 14.97
C LEU B 167 15.42 -40.38 15.78
N ALA B 168 15.61 -41.64 16.21
CA ALA B 168 16.81 -41.99 16.95
C ALA B 168 18.07 -41.71 16.12
N GLN B 169 18.03 -42.06 14.84
CA GLN B 169 19.20 -41.83 13.98
C GLN B 169 19.53 -40.34 13.89
N MET B 170 18.52 -39.50 13.65
CA MET B 170 18.76 -38.06 13.59
C MET B 170 19.35 -37.55 14.89
N LEU B 171 18.80 -37.98 16.03
CA LEU B 171 19.21 -37.43 17.31
C LEU B 171 20.62 -37.91 17.71
N SER B 172 20.99 -39.14 17.35
CA SER B 172 22.35 -39.57 17.62
C SER B 172 23.35 -38.79 16.77
N ARG B 173 22.99 -38.49 15.52
CA ARG B 173 23.83 -37.64 14.70
C ARG B 173 23.88 -36.22 15.26
N LEU B 174 22.78 -35.75 15.82
CA LEU B 174 22.78 -34.42 16.43
C LEU B 174 23.68 -34.39 17.66
N GLN B 175 23.62 -35.42 18.50
CA GLN B 175 24.54 -35.53 19.62
C GLN B 175 25.99 -35.48 19.14
N LYS B 176 26.32 -36.31 18.13
CA LYS B 176 27.68 -36.34 17.61
C LYS B 176 28.10 -34.98 17.08
N ILE B 177 27.19 -34.29 16.37
CA ILE B 177 27.51 -32.96 15.84
C ILE B 177 27.85 -32.02 16.99
N SER B 178 27.03 -32.01 18.04
CA SER B 178 27.25 -31.08 19.14
C SER B 178 28.58 -31.34 19.83
N GLU B 179 28.94 -32.61 20.00
CA GLU B 179 30.13 -32.96 20.79
C GLU B 179 31.41 -32.99 19.97
N GLU B 180 31.34 -33.34 18.69
CA GLU B 180 32.54 -33.36 17.86
C GLU B 180 33.00 -31.95 17.50
N TYR B 181 32.05 -31.05 17.23
CA TYR B 181 32.36 -29.71 16.74
C TYR B 181 32.20 -28.64 17.80
N ASN B 182 31.91 -29.02 19.05
CA ASN B 182 31.81 -28.09 20.16
C ASN B 182 30.86 -26.93 19.82
N VAL B 183 29.61 -27.29 19.57
CA VAL B 183 28.56 -26.31 19.35
C VAL B 183 27.41 -26.61 20.29
N ALA B 184 26.71 -25.57 20.70
CA ALA B 184 25.45 -25.75 21.41
C ALA B 184 24.34 -26.05 20.42
N VAL B 185 23.51 -27.03 20.76
CA VAL B 185 22.32 -27.36 19.99
C VAL B 185 21.12 -27.04 20.85
N PHE B 186 20.28 -26.11 20.38
CA PHE B 186 19.04 -25.74 21.04
C PHE B 186 17.87 -26.17 20.16
N VAL B 187 16.90 -26.86 20.76
CA VAL B 187 15.76 -27.35 20.01
C VAL B 187 14.49 -27.06 20.79
N THR B 188 13.41 -26.85 20.06
CA THR B 188 12.08 -26.70 20.65
C THR B 188 11.28 -27.96 20.40
N ASN B 189 10.25 -28.15 21.23
CA ASN B 189 9.45 -29.36 21.16
C ASN B 189 8.04 -29.05 21.62
N GLN B 190 7.10 -29.87 21.14
CA GLN B 190 5.69 -29.72 21.51
C GLN B 190 5.37 -30.63 22.70
N MET B 191 4.15 -30.47 23.22
CA MET B 191 3.65 -31.26 24.32
C MET B 191 2.37 -31.97 23.91
N THR B 192 2.03 -33.02 24.66
CA THR B 192 0.83 -33.80 24.40
C THR B 192 0.22 -34.24 25.72
N ALA B 193 -0.99 -34.78 25.65
CA ALA B 193 -1.69 -35.26 26.84
C ALA B 193 -0.86 -36.31 27.58
N LYS B 206 0.27 -32.12 30.85
CA LYS B 206 0.83 -32.43 29.55
C LYS B 206 2.27 -32.92 29.67
N LYS B 207 2.74 -33.64 28.66
CA LYS B 207 4.11 -34.12 28.62
C LYS B 207 4.74 -33.81 27.26
N PRO B 208 6.06 -33.70 27.19
CA PRO B 208 6.71 -33.49 25.90
C PRO B 208 6.65 -34.75 25.05
N ILE B 209 6.49 -34.56 23.74
CA ILE B 209 6.44 -35.69 22.81
C ILE B 209 7.87 -36.20 22.57
N GLY B 210 7.99 -37.37 21.96
CA GLY B 210 9.27 -37.96 21.63
C GLY B 210 9.66 -39.13 22.50
N GLY B 211 9.06 -39.26 23.68
CA GLY B 211 9.28 -40.41 24.54
C GLY B 211 10.74 -40.56 24.94
N HIS B 212 11.14 -41.83 25.13
CA HIS B 212 12.49 -42.12 25.62
C HIS B 212 13.56 -41.56 24.69
N ILE B 213 13.31 -41.59 23.38
CA ILE B 213 14.35 -41.22 22.42
C ILE B 213 14.76 -39.77 22.64
N LEU B 214 13.79 -38.86 22.62
CA LEU B 214 14.13 -37.45 22.78
C LEU B 214 14.60 -37.15 24.20
N ALA B 215 14.01 -37.82 25.20
CA ALA B 215 14.45 -37.63 26.58
C ALA B 215 15.93 -37.98 26.73
N HIS B 216 16.36 -39.09 26.11
CA HIS B 216 17.76 -39.49 26.23
C HIS B 216 18.69 -38.56 25.46
N ALA B 217 18.28 -38.14 24.25
CA ALA B 217 19.16 -37.36 23.40
C ALA B 217 19.48 -36.00 24.01
N SER B 218 18.49 -35.36 24.64
CA SER B 218 18.68 -34.04 25.22
C SER B 218 19.42 -34.16 26.54
N THR B 219 20.46 -33.33 26.71
CA THR B 219 21.17 -33.29 27.98
C THR B 219 20.46 -32.40 29.00
N THR B 220 19.79 -31.34 28.54
CA THR B 220 19.02 -30.47 29.40
C THR B 220 17.65 -30.27 28.78
N ARG B 221 16.60 -30.39 29.58
CA ARG B 221 15.23 -30.23 29.13
C ARG B 221 14.55 -29.17 29.99
N ILE B 222 13.90 -28.20 29.34
CA ILE B 222 13.36 -27.03 30.00
C ILE B 222 11.87 -26.94 29.70
N SER B 223 11.05 -26.94 30.74
CA SER B 223 9.62 -26.68 30.61
C SER B 223 9.37 -25.19 30.77
N LEU B 224 8.65 -24.60 29.81
CA LEU B 224 8.30 -23.19 29.85
C LEU B 224 6.80 -23.05 30.07
N ARG B 225 6.41 -22.18 31.00
CA ARG B 225 5.01 -21.94 31.30
C ARG B 225 4.80 -20.47 31.63
N LYS B 226 3.54 -20.05 31.61
CA LYS B 226 3.20 -18.66 31.89
C LYS B 226 3.23 -18.41 33.39
N GLY B 227 3.76 -17.25 33.76
CA GLY B 227 3.81 -16.80 35.14
C GLY B 227 2.80 -15.71 35.42
N ARG B 228 3.12 -14.84 36.37
CA ARG B 228 2.26 -13.71 36.68
C ARG B 228 2.29 -12.69 35.54
N GLY B 229 1.12 -12.20 35.18
CA GLY B 229 1.02 -11.21 34.13
C GLY B 229 1.75 -11.62 32.88
N GLU B 230 2.79 -10.88 32.52
CA GLU B 230 3.59 -11.15 31.32
C GLU B 230 4.86 -11.92 31.62
N LEU B 231 5.03 -12.39 32.85
CA LEU B 231 6.23 -13.13 33.21
C LEU B 231 6.11 -14.60 32.77
N ARG B 232 7.27 -15.23 32.59
CA ARG B 232 7.37 -16.62 32.22
C ARG B 232 8.22 -17.37 33.23
N ILE B 233 8.05 -18.69 33.26
CA ILE B 233 8.76 -19.55 34.20
C ILE B 233 9.41 -20.68 33.43
N ALA B 234 10.71 -20.87 33.66
CA ALA B 234 11.46 -21.98 33.11
C ALA B 234 11.82 -22.96 34.22
N LYS B 235 11.65 -24.25 33.96
CA LYS B 235 11.92 -25.30 34.93
C LYS B 235 12.63 -26.46 34.26
N ILE B 236 13.43 -27.19 35.03
CA ILE B 236 14.03 -28.43 34.55
C ILE B 236 12.99 -29.53 34.63
N TYR B 237 12.70 -30.15 33.49
CA TYR B 237 11.62 -31.13 33.41
C TYR B 237 11.93 -32.36 34.24
N ASP B 238 10.89 -32.92 34.88
CA ASP B 238 10.99 -34.14 35.66
C ASP B 238 11.90 -33.98 36.88
N SER B 239 12.16 -32.75 37.30
CA SER B 239 12.95 -32.45 38.49
C SER B 239 12.04 -32.22 39.68
N PRO B 240 12.55 -32.34 40.90
CA PRO B 240 11.69 -32.13 42.07
C PRO B 240 11.09 -30.73 42.08
N GLU B 241 9.94 -30.61 42.75
CA GLU B 241 9.21 -29.35 42.82
C GLU B 241 9.87 -28.48 43.89
N MET B 242 10.87 -27.72 43.47
CA MET B 242 11.64 -26.86 44.36
C MET B 242 12.02 -25.58 43.61
N PRO B 243 12.22 -24.47 44.34
CA PRO B 243 12.43 -23.19 43.64
C PRO B 243 13.73 -23.14 42.85
N GLU B 244 14.80 -23.74 43.38
CA GLU B 244 16.10 -23.67 42.69
C GLU B 244 16.02 -24.23 41.28
N ASN B 245 15.16 -25.22 41.05
CA ASN B 245 14.99 -25.79 39.73
C ASN B 245 14.07 -24.96 38.84
N GLU B 246 13.74 -23.73 39.24
CA GLU B 246 12.88 -22.85 38.47
C GLU B 246 13.50 -21.47 38.39
N ALA B 247 13.15 -20.74 37.33
CA ALA B 247 13.62 -19.38 37.13
C ALA B 247 12.52 -18.55 36.48
N THR B 248 12.43 -17.28 36.89
CA THR B 248 11.49 -16.35 36.31
C THR B 248 12.21 -15.47 35.29
N PHE B 249 11.58 -15.26 34.14
CA PHE B 249 12.10 -14.35 33.14
C PHE B 249 10.94 -13.60 32.49
N ALA B 250 11.29 -12.54 31.75
CA ALA B 250 10.30 -11.72 31.07
C ALA B 250 10.57 -11.72 29.57
N ILE B 251 9.53 -11.41 28.81
CA ILE B 251 9.60 -11.31 27.36
C ILE B 251 9.33 -9.86 26.98
N THR B 252 10.23 -9.30 26.16
CA THR B 252 10.10 -7.93 25.71
C THR B 252 10.41 -7.87 24.23
N ALA B 253 10.24 -6.69 23.64
CA ALA B 253 10.66 -6.49 22.25
C ALA B 253 12.14 -6.78 22.09
N GLY B 254 12.93 -6.61 23.14
CA GLY B 254 14.33 -6.93 23.13
C GLY B 254 14.66 -8.38 23.39
N GLY B 255 13.65 -9.25 23.47
CA GLY B 255 13.88 -10.68 23.61
C GLY B 255 13.70 -11.18 25.03
N ILE B 256 14.36 -12.31 25.34
CA ILE B 256 14.33 -12.84 26.69
C ILE B 256 15.13 -11.93 27.60
N GLY B 257 14.52 -11.53 28.72
CA GLY B 257 15.18 -10.63 29.65
C GLY B 257 14.80 -10.86 31.10
N ASP B 258 15.26 -9.98 31.97
CA ASP B 258 15.01 -10.09 33.40
C ASP B 258 13.71 -9.37 33.76
N ALA B 259 13.07 -9.85 34.82
CA ALA B 259 11.82 -9.25 35.29
C ALA B 259 12.06 -7.82 35.75
N LYS B 260 10.97 -7.06 35.83
CA LYS B 260 11.06 -5.65 36.25
C LYS B 260 11.86 -5.51 37.53
N GLU B 261 11.38 -6.12 38.62
CA GLU B 261 12.08 -6.10 39.89
C GLU B 261 12.22 -4.69 40.44
N SER C 2 -22.86 37.48 -52.10
CA SER C 2 -22.17 37.26 -50.83
C SER C 2 -20.68 37.55 -50.97
N MET C 3 -20.26 38.70 -50.44
CA MET C 3 -18.86 39.08 -50.41
C MET C 3 -18.13 38.17 -49.43
N PRO C 4 -16.79 38.26 -49.33
CA PRO C 4 -16.04 37.22 -48.60
C PRO C 4 -16.65 36.80 -47.28
N GLY C 5 -16.89 37.76 -46.40
CA GLY C 5 -17.39 37.47 -45.07
C GLY C 5 -18.87 37.64 -44.86
N PHE C 6 -19.65 37.88 -45.92
CA PHE C 6 -21.04 38.26 -45.79
C PHE C 6 -21.98 37.13 -46.20
N LEU C 7 -23.05 36.97 -45.42
CA LEU C 7 -24.19 36.14 -45.77
C LEU C 7 -25.44 37.02 -45.79
N THR C 8 -26.45 36.57 -46.53
CA THR C 8 -27.76 37.16 -46.34
C THR C 8 -28.31 36.74 -44.98
N ALA C 9 -29.20 37.55 -44.41
CA ALA C 9 -29.84 37.16 -43.16
C ALA C 9 -30.57 35.84 -43.32
N PHE C 10 -31.02 35.52 -44.53
CA PHE C 10 -31.68 34.24 -44.77
C PHE C 10 -30.70 33.08 -44.60
N GLU C 11 -29.54 33.17 -45.25
CA GLU C 11 -28.50 32.14 -45.09
C GLU C 11 -28.08 32.02 -43.64
N TYR C 12 -27.95 33.15 -42.93
CA TYR C 12 -27.57 33.10 -41.53
C TYR C 12 -28.68 32.47 -40.69
N SER C 13 -29.94 32.73 -41.05
CA SER C 13 -31.06 32.09 -40.35
C SER C 13 -30.97 30.57 -40.48
N GLU C 14 -30.69 30.08 -41.69
CA GLU C 14 -30.52 28.65 -41.89
C GLU C 14 -29.41 28.10 -41.00
N LYS C 15 -28.34 28.89 -40.82
CA LYS C 15 -27.24 28.45 -39.97
C LYS C 15 -27.65 28.43 -38.50
N ARG C 16 -28.38 29.45 -38.05
CA ARG C 16 -28.78 29.52 -36.65
C ARG C 16 -29.88 28.51 -36.30
N LYS C 17 -30.64 28.03 -37.28
CA LYS C 17 -31.65 27.03 -36.99
C LYS C 17 -31.05 25.73 -36.48
N MET C 18 -29.73 25.55 -36.61
CA MET C 18 -29.05 24.38 -36.08
C MET C 18 -28.50 24.59 -34.67
N VAL C 19 -28.65 25.79 -34.11
CA VAL C 19 -28.17 26.05 -32.76
C VAL C 19 -28.90 25.13 -31.77
N PHE C 20 -28.15 24.57 -30.82
CA PHE C 20 -28.69 23.65 -29.83
C PHE C 20 -28.26 24.10 -28.44
N HIS C 21 -28.87 23.49 -27.43
CA HIS C 21 -28.53 23.73 -26.03
C HIS C 21 -28.16 22.41 -25.37
N ILE C 22 -27.18 22.45 -24.46
CA ILE C 22 -26.76 21.29 -23.69
C ILE C 22 -27.17 21.52 -22.25
N THR C 23 -28.03 20.63 -21.73
CA THR C 23 -28.56 20.81 -20.39
C THR C 23 -27.44 20.79 -19.36
N THR C 24 -27.59 21.62 -18.33
CA THR C 24 -26.67 21.63 -17.20
C THR C 24 -26.92 20.50 -16.22
N GLY C 25 -28.06 19.82 -16.34
CA GLY C 25 -28.52 18.89 -15.34
C GLY C 25 -29.50 19.49 -14.33
N SER C 26 -29.64 20.81 -14.33
CA SER C 26 -30.56 21.51 -13.43
C SER C 26 -31.60 22.24 -14.27
N GLN C 27 -32.88 22.03 -13.97
CA GLN C 27 -33.95 22.68 -14.72
C GLN C 27 -33.90 24.19 -14.56
N GLU C 28 -33.77 24.67 -13.32
CA GLU C 28 -33.73 26.11 -13.09
C GLU C 28 -32.54 26.74 -13.81
N PHE C 29 -31.36 26.12 -13.73
CA PHE C 29 -30.20 26.63 -14.43
C PHE C 29 -30.44 26.65 -15.94
N ASP C 30 -31.06 25.60 -16.48
CA ASP C 30 -31.36 25.57 -17.91
C ASP C 30 -32.31 26.70 -18.29
N LYS C 31 -33.36 26.93 -17.50
CA LYS C 31 -34.26 28.04 -17.77
C LYS C 31 -33.49 29.36 -17.80
N LEU C 32 -32.59 29.55 -16.83
CA LEU C 32 -31.77 30.75 -16.81
C LEU C 32 -31.01 30.92 -18.13
N LEU C 33 -30.57 29.82 -18.72
CA LEU C 33 -29.78 29.84 -19.94
C LEU C 33 -30.61 29.70 -21.20
N GLY C 34 -31.93 29.55 -21.08
CA GLY C 34 -32.76 29.35 -22.25
C GLY C 34 -32.64 27.96 -22.85
N GLY C 35 -32.36 26.96 -22.01
CA GLY C 35 -32.27 25.59 -22.47
C GLY C 35 -31.01 24.88 -22.02
N GLY C 36 -29.95 25.64 -21.76
CA GLY C 36 -28.67 25.10 -21.37
C GLY C 36 -27.55 25.85 -22.05
N ILE C 37 -26.39 25.21 -22.10
CA ILE C 37 -25.23 25.80 -22.76
C ILE C 37 -25.47 25.83 -24.26
N GLU C 38 -25.36 27.03 -24.85
CA GLU C 38 -25.78 27.28 -26.22
C GLU C 38 -24.61 27.15 -27.19
N SER C 39 -24.88 26.56 -28.36
CA SER C 39 -23.86 26.46 -29.38
C SER C 39 -23.72 27.79 -30.13
N MET C 40 -22.67 27.88 -30.94
CA MET C 40 -22.30 29.13 -31.63
C MET C 40 -22.09 30.26 -30.65
N ALA C 41 -21.52 29.95 -29.48
CA ALA C 41 -21.33 30.96 -28.46
C ALA C 41 -20.39 30.44 -27.39
N ILE C 42 -19.72 31.38 -26.72
CA ILE C 42 -18.90 31.10 -25.55
C ILE C 42 -19.70 31.44 -24.30
N THR C 43 -19.79 30.49 -23.38
CA THR C 43 -20.40 30.72 -22.07
C THR C 43 -19.32 30.63 -21.01
N GLU C 44 -19.23 31.66 -20.17
CA GLU C 44 -18.19 31.77 -19.16
C GLU C 44 -18.82 31.67 -17.78
N ALA C 45 -18.22 30.84 -16.92
CA ALA C 45 -18.64 30.69 -15.54
C ALA C 45 -17.48 31.05 -14.63
N PHE C 46 -17.71 31.94 -13.66
CA PHE C 46 -16.66 32.33 -12.74
C PHE C 46 -17.23 32.39 -11.33
N GLY C 47 -16.33 32.27 -10.35
CA GLY C 47 -16.72 32.25 -8.96
C GLY C 47 -15.55 31.81 -8.11
N GLU C 48 -15.84 31.55 -6.84
CA GLU C 48 -14.84 31.05 -5.91
C GLU C 48 -14.87 29.52 -5.89
N PHE C 49 -14.05 28.94 -5.01
CA PHE C 49 -13.97 27.49 -4.91
C PHE C 49 -15.28 26.92 -4.36
N ARG C 50 -15.69 25.78 -4.90
CA ARG C 50 -16.91 25.09 -4.48
C ARG C 50 -18.17 25.90 -4.80
N THR C 51 -18.11 26.72 -5.84
CA THR C 51 -19.31 27.37 -6.36
C THR C 51 -19.97 26.57 -7.46
N GLY C 52 -19.26 25.63 -8.08
CA GLY C 52 -19.86 24.69 -9.02
C GLY C 52 -19.18 24.64 -10.37
N LYS C 53 -18.05 25.33 -10.54
CA LYS C 53 -17.39 25.36 -11.84
C LYS C 53 -16.95 23.98 -12.27
N THR C 54 -16.26 23.25 -11.38
CA THR C 54 -15.74 21.93 -11.74
C THR C 54 -16.88 20.92 -11.88
N GLN C 55 -17.88 20.98 -11.01
CA GLN C 55 -19.03 20.10 -11.13
C GLN C 55 -19.76 20.33 -12.45
N LEU C 56 -19.89 21.59 -12.87
CA LEU C 56 -20.57 21.88 -14.12
C LEU C 56 -19.75 21.39 -15.31
N SER C 57 -18.44 21.65 -15.30
CA SER C 57 -17.57 21.14 -16.36
C SER C 57 -17.71 19.63 -16.51
N HIS C 58 -17.67 18.91 -15.39
CA HIS C 58 -17.75 17.45 -15.45
C HIS C 58 -19.14 16.99 -15.84
N THR C 59 -20.18 17.65 -15.35
CA THR C 59 -21.54 17.27 -15.71
C THR C 59 -21.77 17.42 -17.20
N LEU C 60 -21.32 18.53 -17.79
CA LEU C 60 -21.49 18.74 -19.23
C LEU C 60 -20.75 17.68 -20.04
N CYS C 61 -19.67 17.11 -19.49
CA CYS C 61 -18.99 16.02 -20.18
C CYS C 61 -19.92 14.85 -20.44
N VAL C 62 -20.92 14.66 -19.58
CA VAL C 62 -21.88 13.57 -19.74
C VAL C 62 -23.14 14.05 -20.45
N THR C 63 -23.72 15.18 -20.04
CA THR C 63 -24.98 15.61 -20.62
C THR C 63 -24.85 15.94 -22.10
N ALA C 64 -23.67 16.40 -22.53
CA ALA C 64 -23.48 16.68 -23.95
C ALA C 64 -23.60 15.43 -24.81
N GLN C 65 -23.48 14.25 -24.21
CA GLN C 65 -23.57 12.99 -24.94
C GLN C 65 -24.98 12.43 -24.99
N LEU C 66 -25.93 13.03 -24.26
CA LEU C 66 -27.26 12.46 -24.13
C LEU C 66 -28.24 13.12 -25.07
N PRO C 67 -29.19 12.36 -25.64
CA PRO C 67 -30.28 13.02 -26.37
C PRO C 67 -31.02 13.99 -25.47
N GLY C 68 -31.39 15.13 -26.04
CA GLY C 68 -32.00 16.19 -25.25
C GLY C 68 -33.12 16.92 -25.95
N ALA C 69 -33.54 18.04 -25.37
CA ALA C 69 -34.64 18.83 -25.90
C ALA C 69 -34.28 19.42 -27.27
N GLY C 70 -35.32 19.74 -28.03
CA GLY C 70 -35.13 20.35 -29.33
C GLY C 70 -34.46 19.46 -30.35
N GLY C 71 -34.52 18.14 -30.17
CA GLY C 71 -33.88 17.24 -31.10
C GLY C 71 -32.38 17.11 -30.95
N TYR C 72 -31.83 17.55 -29.82
CA TYR C 72 -30.40 17.42 -29.60
C TYR C 72 -30.02 15.94 -29.56
N PRO C 73 -29.14 15.46 -30.43
CA PRO C 73 -28.85 14.03 -30.49
C PRO C 73 -27.71 13.56 -29.61
N GLY C 74 -26.95 14.47 -29.00
CA GLY C 74 -25.74 14.11 -28.29
C GLY C 74 -24.53 14.06 -29.22
N GLY C 75 -23.36 14.20 -28.62
CA GLY C 75 -22.14 14.20 -29.39
C GLY C 75 -20.92 14.13 -28.50
N LYS C 76 -19.76 14.41 -29.11
CA LYS C 76 -18.49 14.27 -28.43
C LYS C 76 -18.06 15.59 -27.81
N ILE C 77 -17.02 15.51 -26.97
CA ILE C 77 -16.55 16.64 -26.18
C ILE C 77 -15.03 16.69 -26.25
N ILE C 78 -14.50 17.90 -26.24
CA ILE C 78 -13.07 18.14 -26.04
C ILE C 78 -12.91 18.99 -24.79
N PHE C 79 -11.97 18.60 -23.94
CA PHE C 79 -11.77 19.22 -22.63
C PHE C 79 -10.31 19.65 -22.53
N ILE C 80 -10.08 20.96 -22.42
CA ILE C 80 -8.74 21.50 -22.21
C ILE C 80 -8.59 21.90 -20.76
N ASP C 81 -7.56 21.36 -20.11
CA ASP C 81 -7.39 21.45 -18.65
C ASP C 81 -6.13 22.23 -18.34
N THR C 82 -6.29 23.44 -17.81
CA THR C 82 -5.16 24.24 -17.34
C THR C 82 -4.98 24.17 -15.83
N GLU C 83 -5.92 23.58 -15.10
CA GLU C 83 -5.92 23.59 -13.64
C GLU C 83 -5.59 22.24 -13.02
N ASN C 84 -5.42 21.19 -13.82
CA ASN C 84 -5.11 19.86 -13.28
C ASN C 84 -6.26 19.35 -12.42
N THR C 85 -7.49 19.58 -12.87
CA THR C 85 -8.68 19.25 -12.10
C THR C 85 -9.59 18.22 -12.75
N PHE C 86 -9.36 17.85 -14.01
CA PHE C 86 -10.21 16.87 -14.67
C PHE C 86 -10.05 15.51 -14.01
N ARG C 87 -11.18 14.88 -13.69
CA ARG C 87 -11.20 13.62 -12.95
C ARG C 87 -12.24 12.71 -13.61
N PRO C 88 -11.82 11.75 -14.43
CA PRO C 88 -12.79 10.82 -15.03
C PRO C 88 -13.68 10.11 -14.03
N ASP C 89 -13.23 9.87 -12.80
CA ASP C 89 -14.07 9.16 -11.83
C ASP C 89 -15.34 9.94 -11.52
N ARG C 90 -15.26 11.28 -11.51
CA ARG C 90 -16.47 12.07 -11.40
C ARG C 90 -17.44 11.75 -12.52
N LEU C 91 -16.93 11.55 -13.74
CA LEU C 91 -17.78 11.21 -14.87
C LEU C 91 -18.45 9.86 -14.67
N ARG C 92 -17.77 8.92 -14.01
CA ARG C 92 -18.38 7.63 -13.73
C ARG C 92 -19.60 7.79 -12.82
N ASP C 93 -19.46 8.60 -11.78
CA ASP C 93 -20.59 8.87 -10.88
C ASP C 93 -21.73 9.55 -11.65
N ILE C 94 -21.40 10.53 -12.49
CA ILE C 94 -22.43 11.25 -13.21
C ILE C 94 -23.09 10.36 -14.25
N ALA C 95 -22.30 9.50 -14.90
CA ALA C 95 -22.88 8.53 -15.83
C ALA C 95 -23.85 7.59 -15.12
N ASP C 96 -23.50 7.16 -13.91
CA ASP C 96 -24.41 6.34 -13.12
C ASP C 96 -25.75 7.06 -12.92
N ARG C 97 -25.69 8.35 -12.57
CA ARG C 97 -26.92 9.11 -12.39
C ARG C 97 -27.77 9.08 -13.66
N PHE C 98 -27.14 9.31 -14.82
CA PHE C 98 -27.88 9.36 -16.08
C PHE C 98 -28.03 7.98 -16.72
N ASN C 99 -27.64 6.91 -16.02
CA ASN C 99 -27.89 5.55 -16.48
C ASN C 99 -27.27 5.29 -17.85
N VAL C 100 -26.00 5.64 -18.00
CA VAL C 100 -25.25 5.38 -19.22
C VAL C 100 -23.94 4.68 -18.85
N ASP C 101 -23.41 3.92 -19.80
CA ASP C 101 -22.21 3.13 -19.55
C ASP C 101 -21.00 4.04 -19.36
N HIS C 102 -20.12 3.64 -18.43
CA HIS C 102 -18.95 4.46 -18.12
C HIS C 102 -18.01 4.56 -19.32
N ASP C 103 -17.60 3.42 -19.87
CA ASP C 103 -16.56 3.42 -20.89
C ASP C 103 -16.99 4.19 -22.13
N ALA C 104 -18.27 4.09 -22.51
CA ALA C 104 -18.75 4.87 -23.64
C ALA C 104 -18.64 6.36 -23.37
N VAL C 105 -19.03 6.78 -22.17
CA VAL C 105 -18.89 8.19 -21.78
C VAL C 105 -17.43 8.61 -21.88
N LEU C 106 -16.53 7.79 -21.32
CA LEU C 106 -15.11 8.16 -21.30
C LEU C 106 -14.49 8.13 -22.68
N ASP C 107 -15.00 7.29 -23.59
CA ASP C 107 -14.48 7.25 -24.95
C ASP C 107 -14.88 8.47 -25.77
N ASN C 108 -15.96 9.16 -25.38
CA ASN C 108 -16.46 10.29 -26.15
C ASN C 108 -15.92 11.63 -25.70
N VAL C 109 -14.99 11.66 -24.74
CA VAL C 109 -14.35 12.89 -24.29
C VAL C 109 -12.88 12.81 -24.67
N LEU C 110 -12.42 13.78 -25.45
CA LEU C 110 -11.00 13.97 -25.71
C LEU C 110 -10.44 15.02 -24.75
N TYR C 111 -9.21 14.81 -24.31
CA TYR C 111 -8.67 15.55 -23.17
C TYR C 111 -7.21 15.92 -23.40
N ALA C 112 -6.85 17.15 -23.03
CA ALA C 112 -5.46 17.59 -23.06
C ALA C 112 -5.19 18.56 -21.92
N ARG C 113 -4.03 18.40 -21.28
CA ARG C 113 -3.52 19.40 -20.36
C ARG C 113 -2.75 20.46 -21.13
N ALA C 114 -2.94 21.72 -20.74
CA ALA C 114 -2.13 22.83 -21.23
C ALA C 114 -1.23 23.31 -20.10
N TYR C 115 0.06 23.45 -20.39
CA TYR C 115 1.05 23.84 -19.40
C TYR C 115 1.58 25.25 -19.59
N THR C 116 1.33 25.88 -20.74
CA THR C 116 1.66 27.28 -20.96
C THR C 116 0.58 27.91 -21.83
N SER C 117 0.56 29.24 -21.88
CA SER C 117 -0.45 29.91 -22.70
C SER C 117 -0.20 29.66 -24.18
N GLU C 118 1.06 29.57 -24.59
CA GLU C 118 1.38 29.20 -25.97
C GLU C 118 0.91 27.78 -26.27
N HIS C 119 1.13 26.85 -25.34
CA HIS C 119 0.63 25.49 -25.50
C HIS C 119 -0.89 25.48 -25.63
N GLN C 120 -1.57 26.25 -24.78
CA GLN C 120 -3.03 26.30 -24.85
C GLN C 120 -3.49 26.74 -26.24
N MET C 121 -2.83 27.75 -26.82
CA MET C 121 -3.24 28.25 -28.13
C MET C 121 -2.96 27.21 -29.23
N GLU C 122 -1.83 26.52 -29.15
CA GLU C 122 -1.56 25.44 -30.10
C GLU C 122 -2.63 24.36 -30.03
N LEU C 123 -3.00 23.96 -28.80
CA LEU C 123 -4.03 22.94 -28.64
C LEU C 123 -5.33 23.35 -29.33
N LEU C 124 -5.69 24.63 -29.22
CA LEU C 124 -6.93 25.10 -29.84
C LEU C 124 -6.86 25.05 -31.36
N ASP C 125 -5.67 25.20 -31.94
CA ASP C 125 -5.52 25.01 -33.37
C ASP C 125 -5.78 23.55 -33.76
N TYR C 126 -5.33 22.60 -32.93
CA TYR C 126 -5.66 21.20 -33.17
C TYR C 126 -7.14 20.93 -32.96
N VAL C 127 -7.77 21.63 -32.01
CA VAL C 127 -9.20 21.49 -31.81
C VAL C 127 -9.96 21.92 -33.07
N ALA C 128 -9.57 23.06 -33.64
CA ALA C 128 -10.24 23.55 -34.84
C ALA C 128 -10.11 22.53 -35.98
N ALA C 129 -8.91 21.99 -36.16
CA ALA C 129 -8.70 20.99 -37.21
C ALA C 129 -9.55 19.76 -36.97
N LYS C 130 -9.68 19.34 -35.71
CA LYS C 130 -10.47 18.14 -35.41
C LYS C 130 -11.93 18.36 -35.76
N PHE C 131 -12.51 19.49 -35.30
CA PHE C 131 -13.87 19.82 -35.68
C PHE C 131 -14.01 19.90 -37.20
N HIS C 132 -13.00 20.44 -37.86
CA HIS C 132 -13.05 20.65 -39.31
C HIS C 132 -13.15 19.33 -40.06
N GLU C 133 -12.57 18.26 -39.50
CA GLU C 133 -12.57 16.96 -40.16
C GLU C 133 -13.98 16.51 -40.52
N GLU C 134 -14.94 16.70 -39.62
CA GLU C 134 -16.30 16.27 -39.88
C GLU C 134 -17.24 17.01 -38.94
N ALA C 135 -18.16 17.78 -39.51
CA ALA C 135 -19.12 18.53 -38.71
C ALA C 135 -20.13 17.58 -38.06
N GLY C 136 -20.72 18.06 -36.97
CA GLY C 136 -21.76 17.32 -36.28
C GLY C 136 -21.28 16.26 -35.32
N ILE C 137 -19.98 15.95 -35.31
CA ILE C 137 -19.47 14.92 -34.41
C ILE C 137 -19.30 15.47 -33.01
N PHE C 138 -18.60 16.59 -32.88
CA PHE C 138 -18.34 17.25 -31.61
C PHE C 138 -19.37 18.35 -31.37
N LYS C 139 -19.83 18.46 -30.12
CA LYS C 139 -20.82 19.44 -29.75
C LYS C 139 -20.35 20.43 -28.70
N LEU C 140 -19.26 20.14 -27.99
CA LEU C 140 -18.87 20.92 -26.82
C LEU C 140 -17.36 21.00 -26.72
N LEU C 141 -16.86 22.20 -26.48
CA LEU C 141 -15.47 22.45 -26.12
C LEU C 141 -15.46 23.07 -24.73
N ILE C 142 -14.73 22.44 -23.80
CA ILE C 142 -14.56 22.96 -22.45
C ILE C 142 -13.13 23.43 -22.29
N ILE C 143 -12.96 24.63 -21.74
CA ILE C 143 -11.63 25.14 -21.38
C ILE C 143 -11.69 25.53 -19.91
N ASP C 144 -11.06 24.73 -19.06
CA ASP C 144 -11.02 24.95 -17.62
C ASP C 144 -9.55 25.09 -17.23
N SER C 145 -9.02 26.31 -17.12
CA SER C 145 -9.74 27.59 -17.24
C SER C 145 -9.18 28.44 -18.39
N ILE C 146 -9.86 29.53 -18.71
CA ILE C 146 -9.64 30.18 -19.99
C ILE C 146 -8.34 30.98 -20.02
N MET C 147 -7.96 31.62 -18.91
CA MET C 147 -6.80 32.50 -18.99
C MET C 147 -5.89 32.48 -17.75
N ALA C 148 -5.97 31.44 -16.91
CA ALA C 148 -5.02 31.35 -15.81
C ALA C 148 -3.58 31.35 -16.32
N LEU C 149 -3.33 30.68 -17.45
CA LEU C 149 -1.98 30.58 -17.98
C LEU C 149 -1.49 31.89 -18.57
N PHE C 150 -2.40 32.77 -19.01
CA PHE C 150 -1.99 34.06 -19.52
C PHE C 150 -1.55 34.98 -18.39
N ARG C 151 -2.18 34.87 -17.22
CA ARG C 151 -1.67 35.57 -16.05
C ARG C 151 -0.30 35.05 -15.65
N VAL C 152 -0.08 33.74 -15.79
CA VAL C 152 1.18 33.14 -15.39
C VAL C 152 2.31 33.58 -16.32
N ASP C 153 2.08 33.48 -17.63
CA ASP C 153 3.14 33.72 -18.60
C ASP C 153 3.46 35.20 -18.79
N PHE C 154 2.57 36.10 -18.36
CA PHE C 154 2.78 37.55 -18.50
C PHE C 154 2.43 38.21 -17.16
N SER C 155 3.31 38.00 -16.17
CA SER C 155 3.06 38.49 -14.82
C SER C 155 3.64 39.87 -14.57
N GLY C 156 4.71 40.24 -15.28
CA GLY C 156 5.29 41.56 -15.12
C GLY C 156 4.51 42.63 -15.86
N ARG C 157 4.56 43.85 -15.33
CA ARG C 157 3.81 44.96 -15.93
C ARG C 157 4.27 45.28 -17.33
N GLY C 158 5.49 44.89 -17.72
CA GLY C 158 6.00 45.20 -19.04
C GLY C 158 5.49 44.30 -20.15
N GLU C 159 4.97 43.13 -19.81
CA GLU C 159 4.49 42.17 -20.79
C GLU C 159 2.97 42.20 -20.97
N LEU C 160 2.26 43.04 -20.23
CA LEU C 160 0.81 42.99 -20.28
C LEU C 160 0.28 43.29 -21.68
N ALA C 161 0.90 44.23 -22.38
CA ALA C 161 0.50 44.51 -23.76
C ALA C 161 0.50 43.24 -24.58
N GLU C 162 1.61 42.50 -24.57
CA GLU C 162 1.67 41.24 -25.30
C GLU C 162 0.62 40.25 -24.78
N ARG C 163 0.43 40.21 -23.46
CA ARG C 163 -0.60 39.34 -22.89
C ARG C 163 -1.95 39.63 -23.53
N GLN C 164 -2.37 40.88 -23.50
CA GLN C 164 -3.66 41.25 -24.07
C GLN C 164 -3.76 40.83 -25.53
N GLN C 165 -2.70 41.08 -26.31
CA GLN C 165 -2.72 40.71 -27.72
C GLN C 165 -2.90 39.20 -27.88
N LYS C 166 -2.08 38.41 -27.19
CA LYS C 166 -2.21 36.96 -27.26
C LYS C 166 -3.58 36.50 -26.80
N LEU C 167 -4.08 37.08 -25.70
CA LEU C 167 -5.39 36.71 -25.20
C LEU C 167 -6.47 37.03 -26.23
N ALA C 168 -6.47 38.25 -26.76
CA ALA C 168 -7.45 38.63 -27.77
C ALA C 168 -7.40 37.68 -28.96
N GLN C 169 -6.20 37.29 -29.38
CA GLN C 169 -6.06 36.40 -30.53
C GLN C 169 -6.69 35.04 -30.28
N MET C 170 -6.40 34.44 -29.11
CA MET C 170 -7.01 33.16 -28.79
C MET C 170 -8.53 33.25 -28.77
N LEU C 171 -9.07 34.33 -28.20
CA LEU C 171 -10.51 34.42 -28.01
C LEU C 171 -11.23 34.72 -29.33
N SER C 172 -10.60 35.46 -30.24
CA SER C 172 -11.19 35.64 -31.56
C SER C 172 -11.25 34.31 -32.30
N ARG C 173 -10.19 33.51 -32.18
CA ARG C 173 -10.23 32.15 -32.74
C ARG C 173 -11.31 31.31 -32.07
N LEU C 174 -11.46 31.45 -30.76
CA LEU C 174 -12.46 30.66 -30.04
C LEU C 174 -13.87 31.04 -30.47
N GLN C 175 -14.13 32.33 -30.66
CA GLN C 175 -15.42 32.75 -31.22
C GLN C 175 -15.65 32.08 -32.58
N LYS C 176 -14.67 32.19 -33.47
CA LYS C 176 -14.82 31.62 -34.81
C LYS C 176 -15.04 30.12 -34.75
N ILE C 177 -14.33 29.44 -33.85
CA ILE C 177 -14.52 27.99 -33.69
C ILE C 177 -15.97 27.70 -33.31
N SER C 178 -16.49 28.41 -32.32
CA SER C 178 -17.85 28.15 -31.84
C SER C 178 -18.87 28.37 -32.95
N GLU C 179 -18.67 29.41 -33.76
CA GLU C 179 -19.66 29.80 -34.75
C GLU C 179 -19.49 29.07 -36.07
N GLU C 180 -18.25 28.77 -36.47
CA GLU C 180 -18.04 28.05 -37.72
C GLU C 180 -18.46 26.59 -37.61
N TYR C 181 -18.16 25.95 -36.50
CA TYR C 181 -18.39 24.52 -36.34
C TYR C 181 -19.62 24.21 -35.50
N ASN C 182 -20.41 25.23 -35.15
CA ASN C 182 -21.63 25.07 -34.35
C ASN C 182 -21.38 24.16 -33.15
N VAL C 183 -20.50 24.61 -32.26
CA VAL C 183 -20.27 23.94 -30.99
C VAL C 183 -20.51 24.93 -29.87
N ALA C 184 -20.93 24.41 -28.72
CA ALA C 184 -20.94 25.20 -27.50
C ALA C 184 -19.53 25.25 -26.93
N VAL C 185 -19.10 26.43 -26.49
CA VAL C 185 -17.82 26.60 -25.83
C VAL C 185 -18.09 27.02 -24.40
N PHE C 186 -17.69 26.19 -23.44
CA PHE C 186 -17.85 26.50 -22.03
C PHE C 186 -16.47 26.71 -21.42
N VAL C 187 -16.30 27.82 -20.73
CA VAL C 187 -15.03 28.13 -20.10
C VAL C 187 -15.27 28.57 -18.67
N THR C 188 -14.32 28.24 -17.81
CA THR C 188 -14.28 28.74 -16.43
C THR C 188 -13.29 29.90 -16.35
N ASN C 189 -13.44 30.71 -15.31
CA ASN C 189 -12.58 31.87 -15.13
C ASN C 189 -12.45 32.16 -13.64
N GLN C 190 -11.39 32.88 -13.28
CA GLN C 190 -11.14 33.29 -11.92
C GLN C 190 -11.61 34.73 -11.68
N MET C 191 -11.61 35.11 -10.41
CA MET C 191 -12.01 36.45 -10.01
C MET C 191 -10.87 37.12 -9.25
N THR C 192 -10.92 38.45 -9.20
CA THR C 192 -9.92 39.24 -8.50
C THR C 192 -10.60 40.44 -7.86
N ALA C 193 -9.89 41.05 -6.91
CA ALA C 193 -10.40 42.24 -6.23
C ALA C 193 -10.76 43.33 -7.23
N PRO C 205 -16.33 43.34 -3.49
CA PRO C 205 -16.04 44.03 -4.75
C PRO C 205 -15.20 43.17 -5.70
N LYS C 206 -15.67 41.95 -5.96
CA LYS C 206 -14.91 40.97 -6.72
C LYS C 206 -15.47 40.84 -8.13
N LYS C 207 -14.60 40.89 -9.12
CA LYS C 207 -14.97 40.85 -10.53
C LYS C 207 -14.18 39.76 -11.24
N PRO C 208 -14.64 39.31 -12.40
CA PRO C 208 -13.86 38.35 -13.18
C PRO C 208 -12.66 39.03 -13.82
N ILE C 209 -11.55 38.29 -13.91
CA ILE C 209 -10.35 38.77 -14.57
C ILE C 209 -10.57 38.72 -16.08
N GLY C 210 -9.70 39.37 -16.84
CA GLY C 210 -9.76 39.38 -18.28
C GLY C 210 -10.21 40.69 -18.89
N GLY C 211 -10.81 41.57 -18.10
CA GLY C 211 -11.17 42.90 -18.55
C GLY C 211 -12.10 42.86 -19.75
N HIS C 212 -11.96 43.88 -20.60
CA HIS C 212 -12.84 44.02 -21.76
C HIS C 212 -12.70 42.85 -22.71
N ILE C 213 -11.50 42.28 -22.83
CA ILE C 213 -11.27 41.23 -23.82
C ILE C 213 -12.16 40.03 -23.54
N LEU C 214 -12.11 39.51 -22.33
CA LEU C 214 -12.91 38.33 -22.01
C LEU C 214 -14.39 38.68 -21.90
N ALA C 215 -14.71 39.88 -21.41
CA ALA C 215 -16.10 40.32 -21.37
C ALA C 215 -16.72 40.33 -22.76
N HIS C 216 -15.99 40.85 -23.75
CA HIS C 216 -16.53 40.92 -25.10
C HIS C 216 -16.65 39.54 -25.73
N ALA C 217 -15.64 38.68 -25.55
CA ALA C 217 -15.61 37.40 -26.24
C ALA C 217 -16.74 36.49 -25.80
N SER C 218 -17.07 36.50 -24.52
CA SER C 218 -18.12 35.64 -23.98
C SER C 218 -19.49 36.21 -24.36
N THR C 219 -20.36 35.33 -24.86
CA THR C 219 -21.73 35.75 -25.14
C THR C 219 -22.61 35.67 -23.90
N THR C 220 -22.34 34.73 -23.00
CA THR C 220 -23.04 34.64 -21.73
C THR C 220 -22.02 34.49 -20.62
N ARG C 221 -22.19 35.26 -19.55
CA ARG C 221 -21.31 35.19 -18.38
C ARG C 221 -22.13 34.87 -17.15
N ILE C 222 -21.69 33.87 -16.40
CA ILE C 222 -22.42 33.37 -15.24
C ILE C 222 -21.54 33.48 -14.01
N SER C 223 -22.06 34.15 -12.98
CA SER C 223 -21.43 34.18 -11.67
C SER C 223 -22.02 33.08 -10.80
N LEU C 224 -21.16 32.26 -10.19
CA LEU C 224 -21.57 31.18 -9.32
C LEU C 224 -21.19 31.52 -7.89
N ARG C 225 -22.12 31.30 -6.95
CA ARG C 225 -21.87 31.58 -5.55
C ARG C 225 -22.61 30.57 -4.69
N LYS C 226 -22.24 30.51 -3.42
CA LYS C 226 -22.86 29.59 -2.49
C LYS C 226 -24.19 30.14 -1.99
N GLY C 227 -25.17 29.26 -1.87
CA GLY C 227 -26.48 29.60 -1.34
C GLY C 227 -26.65 29.11 0.08
N ARG C 228 -27.91 29.01 0.51
CA ARG C 228 -28.20 28.52 1.84
C ARG C 228 -27.83 27.04 1.95
N GLY C 229 -27.21 26.69 3.06
CA GLY C 229 -26.81 25.30 3.26
C GLY C 229 -25.85 24.85 2.18
N GLU C 230 -26.23 23.79 1.47
CA GLU C 230 -25.38 23.19 0.44
C GLU C 230 -25.77 23.62 -0.97
N LEU C 231 -26.71 24.56 -1.11
CA LEU C 231 -27.16 24.98 -2.43
C LEU C 231 -26.23 26.04 -3.01
N ARG C 232 -26.26 26.14 -4.34
CA ARG C 232 -25.49 27.13 -5.07
C ARG C 232 -26.43 27.99 -5.90
N ILE C 233 -25.94 29.16 -6.31
CA ILE C 233 -26.72 30.14 -7.06
C ILE C 233 -25.94 30.53 -8.31
N ALA C 234 -26.61 30.52 -9.45
CA ALA C 234 -26.05 31.01 -10.71
C ALA C 234 -26.75 32.30 -11.09
N LYS C 235 -25.96 33.29 -11.51
CA LYS C 235 -26.46 34.62 -11.82
C LYS C 235 -25.85 35.12 -13.12
N ILE C 236 -26.59 35.97 -13.83
CA ILE C 236 -26.06 36.67 -14.99
C ILE C 236 -25.20 37.83 -14.49
N TYR C 237 -23.93 37.84 -14.90
CA TYR C 237 -23.01 38.85 -14.40
C TYR C 237 -23.39 40.23 -14.90
N ASP C 238 -23.20 41.23 -14.04
CA ASP C 238 -23.42 42.64 -14.36
C ASP C 238 -24.87 42.92 -14.72
N SER C 239 -25.79 42.02 -14.39
CA SER C 239 -27.20 42.22 -14.63
C SER C 239 -27.89 42.77 -13.38
N PRO C 240 -29.05 43.39 -13.52
CA PRO C 240 -29.74 43.94 -12.34
C PRO C 240 -30.05 42.86 -11.31
N GLU C 241 -30.20 43.30 -10.07
CA GLU C 241 -30.48 42.40 -8.95
C GLU C 241 -31.97 42.06 -8.98
N MET C 242 -32.30 41.01 -9.71
CA MET C 242 -33.68 40.57 -9.88
C MET C 242 -33.70 39.05 -9.96
N PRO C 243 -34.82 38.43 -9.61
CA PRO C 243 -34.82 36.96 -9.48
C PRO C 243 -34.67 36.22 -10.80
N GLU C 244 -35.28 36.72 -11.89
CA GLU C 244 -35.21 36.02 -13.16
C GLU C 244 -33.77 35.78 -13.59
N ASN C 245 -32.87 36.71 -13.25
CA ASN C 245 -31.46 36.57 -13.58
C ASN C 245 -30.70 35.69 -12.60
N GLU C 246 -31.39 34.92 -11.76
CA GLU C 246 -30.77 34.01 -10.81
C GLU C 246 -31.44 32.64 -10.89
N ALA C 247 -30.68 31.61 -10.56
CA ALA C 247 -31.19 30.26 -10.51
C ALA C 247 -30.50 29.50 -9.39
N THR C 248 -31.26 28.68 -8.68
CA THR C 248 -30.74 27.84 -7.60
C THR C 248 -30.52 26.43 -8.12
N PHE C 249 -29.38 25.83 -7.76
CA PHE C 249 -29.09 24.46 -8.14
C PHE C 249 -28.32 23.78 -7.02
N ALA C 250 -28.27 22.46 -7.09
CA ALA C 250 -27.62 21.63 -6.08
C ALA C 250 -26.50 20.82 -6.71
N ILE C 251 -25.58 20.37 -5.86
CA ILE C 251 -24.42 19.60 -6.27
C ILE C 251 -24.47 18.25 -5.56
N THR C 252 -24.31 17.18 -6.33
CA THR C 252 -24.28 15.82 -5.79
C THR C 252 -23.15 15.05 -6.46
N ALA C 253 -22.92 13.83 -6.01
CA ALA C 253 -21.99 12.95 -6.70
C ALA C 253 -22.40 12.75 -8.15
N GLY C 254 -23.69 12.85 -8.44
CA GLY C 254 -24.22 12.77 -9.78
C GLY C 254 -24.12 14.04 -10.60
N GLY C 255 -23.49 15.08 -10.07
CA GLY C 255 -23.25 16.29 -10.81
C GLY C 255 -24.19 17.42 -10.43
N ILE C 256 -24.37 18.35 -11.38
CA ILE C 256 -25.26 19.47 -11.19
C ILE C 256 -26.70 18.99 -11.28
N GLY C 257 -27.52 19.38 -10.30
CA GLY C 257 -28.90 18.96 -10.27
C GLY C 257 -29.84 19.97 -9.65
N ASP C 258 -31.09 19.57 -9.43
CA ASP C 258 -32.09 20.44 -8.85
C ASP C 258 -32.10 20.32 -7.34
N ALA C 259 -32.47 21.41 -6.66
CA ALA C 259 -32.57 21.41 -5.22
C ALA C 259 -33.69 20.48 -4.75
N MET D 3 -4.81 13.10 -31.83
CA MET D 3 -4.10 14.37 -31.92
C MET D 3 -2.91 14.37 -30.98
N PRO D 4 -1.93 15.26 -31.22
CA PRO D 4 -0.65 15.17 -30.51
C PRO D 4 -0.76 15.10 -29.00
N GLY D 5 -1.39 16.08 -28.36
CA GLY D 5 -1.45 16.15 -26.93
C GLY D 5 -2.71 15.60 -26.29
N PHE D 6 -3.56 14.91 -27.04
CA PHE D 6 -4.90 14.55 -26.58
C PHE D 6 -5.01 13.07 -26.27
N LEU D 7 -5.66 12.77 -25.14
CA LEU D 7 -6.09 11.43 -24.79
C LEU D 7 -7.62 11.42 -24.70
N THR D 8 -8.21 10.24 -24.87
CA THR D 8 -9.59 10.07 -24.44
C THR D 8 -9.62 10.10 -22.91
N ALA D 9 -10.78 10.45 -22.36
CA ALA D 9 -10.96 10.40 -20.91
C ALA D 9 -10.72 8.98 -20.39
N PHE D 10 -11.00 7.96 -21.22
CA PHE D 10 -10.73 6.59 -20.82
C PHE D 10 -9.22 6.36 -20.66
N GLU D 11 -8.45 6.75 -21.66
CA GLU D 11 -7.00 6.62 -21.57
C GLU D 11 -6.44 7.42 -20.41
N TYR D 12 -7.00 8.62 -20.16
CA TYR D 12 -6.53 9.41 -19.03
C TYR D 12 -6.92 8.75 -17.71
N SER D 13 -8.10 8.11 -17.66
CA SER D 13 -8.48 7.35 -16.47
C SER D 13 -7.47 6.25 -16.19
N GLU D 14 -7.07 5.51 -17.22
CA GLU D 14 -6.04 4.49 -17.05
C GLU D 14 -4.77 5.11 -16.49
N LYS D 15 -4.46 6.34 -16.89
CA LYS D 15 -3.27 7.00 -16.36
C LYS D 15 -3.44 7.38 -14.90
N ARG D 16 -4.62 7.87 -14.51
CA ARG D 16 -4.84 8.34 -13.15
C ARG D 16 -5.05 7.21 -12.15
N LYS D 17 -5.41 6.00 -12.61
CA LYS D 17 -5.59 4.90 -11.68
C LYS D 17 -4.30 4.54 -10.95
N MET D 18 -3.16 5.02 -11.45
CA MET D 18 -1.87 4.78 -10.82
C MET D 18 -1.52 5.85 -9.78
N VAL D 19 -2.35 6.87 -9.62
CA VAL D 19 -2.03 7.94 -8.68
C VAL D 19 -1.98 7.38 -7.26
N PHE D 20 -1.01 7.83 -6.48
CA PHE D 20 -0.81 7.35 -5.12
C PHE D 20 -0.70 8.55 -4.17
N HIS D 21 -0.71 8.23 -2.89
CA HIS D 21 -0.46 9.21 -1.83
C HIS D 21 0.68 8.71 -0.95
N ILE D 22 1.52 9.64 -0.50
CA ILE D 22 2.59 9.34 0.43
C ILE D 22 2.20 9.92 1.79
N THR D 23 2.07 9.06 2.78
CA THR D 23 1.66 9.49 4.10
C THR D 23 2.63 10.51 4.68
N THR D 24 2.08 11.50 5.38
CA THR D 24 2.89 12.50 6.08
C THR D 24 3.46 11.98 7.39
N GLY D 25 2.97 10.85 7.90
CA GLY D 25 3.24 10.41 9.25
C GLY D 25 2.16 10.76 10.24
N SER D 26 1.22 11.63 9.86
CA SER D 26 0.12 12.04 10.72
C SER D 26 -1.20 11.62 10.09
N GLN D 27 -2.03 10.95 10.87
CA GLN D 27 -3.33 10.51 10.37
C GLN D 27 -4.21 11.71 10.02
N GLU D 28 -4.31 12.68 10.93
CA GLU D 28 -5.14 13.85 10.67
C GLU D 28 -4.64 14.61 9.45
N PHE D 29 -3.33 14.82 9.34
CA PHE D 29 -2.76 15.49 8.18
C PHE D 29 -3.09 14.73 6.90
N ASP D 30 -2.94 13.40 6.93
CA ASP D 30 -3.24 12.60 5.75
C ASP D 30 -4.70 12.77 5.33
N LYS D 31 -5.61 12.68 6.30
CA LYS D 31 -7.03 12.88 5.99
C LYS D 31 -7.25 14.24 5.33
N LEU D 32 -6.59 15.28 5.85
CA LEU D 32 -6.68 16.59 5.24
C LEU D 32 -6.28 16.55 3.77
N LEU D 33 -5.28 15.75 3.44
CA LEU D 33 -4.76 15.67 2.09
C LEU D 33 -5.41 14.57 1.25
N GLY D 34 -6.35 13.82 1.81
CA GLY D 34 -6.93 12.71 1.09
C GLY D 34 -6.05 11.49 0.99
N GLY D 35 -5.16 11.29 1.95
CA GLY D 35 -4.29 10.13 1.97
C GLY D 35 -2.83 10.49 2.17
N GLY D 36 -2.44 11.69 1.77
CA GLY D 36 -1.07 12.14 1.89
C GLY D 36 -0.67 12.97 0.69
N ILE D 37 0.64 13.11 0.49
CA ILE D 37 1.16 13.87 -0.65
C ILE D 37 0.84 13.11 -1.93
N GLU D 38 0.14 13.76 -2.85
CA GLU D 38 -0.44 13.11 -4.01
C GLU D 38 0.49 13.17 -5.22
N SER D 39 0.55 12.07 -5.97
CA SER D 39 1.34 12.04 -7.19
C SER D 39 0.59 12.73 -8.33
N MET D 40 1.32 12.98 -9.42
CA MET D 40 0.82 13.75 -10.56
C MET D 40 0.36 15.14 -10.12
N ALA D 41 1.04 15.71 -9.14
CA ALA D 41 0.65 16.99 -8.59
C ALA D 41 1.84 17.59 -7.84
N ILE D 42 1.81 18.91 -7.74
CA ILE D 42 2.73 19.66 -6.89
C ILE D 42 1.98 20.06 -5.63
N THR D 43 2.58 19.78 -4.48
CA THR D 43 2.04 20.21 -3.19
C THR D 43 3.04 21.16 -2.55
N GLU D 44 2.55 22.34 -2.17
CA GLU D 44 3.37 23.41 -1.62
C GLU D 44 3.02 23.59 -0.15
N ALA D 45 4.03 23.63 0.70
CA ALA D 45 3.88 23.92 2.12
C ALA D 45 4.67 25.18 2.46
N PHE D 46 4.00 26.15 3.07
CA PHE D 46 4.66 27.39 3.45
C PHE D 46 4.27 27.76 4.87
N GLY D 47 5.07 28.63 5.46
CA GLY D 47 4.90 29.02 6.84
C GLY D 47 6.19 29.61 7.37
N GLU D 48 6.16 29.94 8.65
CA GLU D 48 7.30 30.57 9.30
C GLU D 48 8.23 29.49 9.86
N PHE D 49 9.19 29.92 10.69
CA PHE D 49 10.22 29.02 11.18
C PHE D 49 9.66 28.04 12.20
N ARG D 50 10.12 26.79 12.11
CA ARG D 50 9.69 25.73 13.04
C ARG D 50 8.18 25.55 13.03
N THR D 51 7.57 25.68 11.85
CA THR D 51 6.17 25.33 11.67
C THR D 51 5.99 23.92 11.14
N GLY D 52 7.06 23.28 10.66
CA GLY D 52 7.00 21.89 10.26
C GLY D 52 7.55 21.59 8.88
N LYS D 53 7.95 22.62 8.14
CA LYS D 53 8.39 22.41 6.76
C LYS D 53 9.57 21.43 6.69
N THR D 54 10.60 21.66 7.51
CA THR D 54 11.78 20.81 7.45
C THR D 54 11.49 19.41 8.00
N GLN D 55 10.69 19.34 9.08
CA GLN D 55 10.29 18.04 9.61
C GLN D 55 9.49 17.25 8.58
N LEU D 56 8.61 17.93 7.85
CA LEU D 56 7.80 17.24 6.84
C LEU D 56 8.66 16.77 5.67
N SER D 57 9.57 17.62 5.20
CA SER D 57 10.48 17.22 4.12
C SER D 57 11.29 15.99 4.52
N HIS D 58 11.84 15.99 5.73
CA HIS D 58 12.64 14.85 6.18
C HIS D 58 11.78 13.62 6.40
N THR D 59 10.60 13.78 7.00
CA THR D 59 9.72 12.64 7.21
C THR D 59 9.36 11.97 5.89
N LEU D 60 9.06 12.78 4.86
CA LEU D 60 8.68 12.21 3.58
C LEU D 60 9.83 11.44 2.93
N CYS D 61 11.08 11.81 3.27
CA CYS D 61 12.23 11.05 2.76
C CYS D 61 12.18 9.61 3.23
N VAL D 62 11.54 9.33 4.35
CA VAL D 62 11.40 7.97 4.84
C VAL D 62 10.08 7.35 4.42
N THR D 63 8.97 8.06 4.62
CA THR D 63 7.66 7.46 4.35
C THR D 63 7.47 7.16 2.87
N ALA D 64 8.13 7.91 1.98
CA ALA D 64 8.03 7.60 0.56
C ALA D 64 8.64 6.24 0.22
N GLN D 65 9.49 5.71 1.09
CA GLN D 65 10.11 4.41 0.86
C GLN D 65 9.28 3.25 1.39
N LEU D 66 8.20 3.52 2.11
CA LEU D 66 7.47 2.47 2.81
C LEU D 66 6.27 2.02 2.00
N PRO D 67 6.04 0.71 1.85
CA PRO D 67 4.77 0.26 1.28
C PRO D 67 3.59 0.86 2.04
N GLY D 68 2.57 1.30 1.31
CA GLY D 68 1.50 2.06 1.92
C GLY D 68 0.11 1.75 1.41
N ALA D 69 -0.84 2.60 1.77
CA ALA D 69 -2.23 2.38 1.41
C ALA D 69 -2.42 2.46 -0.10
N GLY D 70 -3.50 1.82 -0.56
CA GLY D 70 -3.83 1.88 -1.98
C GLY D 70 -2.81 1.21 -2.88
N GLY D 71 -2.07 0.23 -2.36
CA GLY D 71 -1.07 -0.44 -3.16
C GLY D 71 0.20 0.35 -3.41
N TYR D 72 0.44 1.41 -2.65
CA TYR D 72 1.66 2.18 -2.82
C TYR D 72 2.86 1.30 -2.45
N PRO D 73 3.79 1.04 -3.38
CA PRO D 73 4.87 0.10 -3.09
C PRO D 73 6.10 0.71 -2.43
N GLY D 74 6.17 2.03 -2.34
CA GLY D 74 7.40 2.69 -1.93
C GLY D 74 8.34 2.87 -3.10
N GLY D 75 9.27 3.81 -2.93
CA GLY D 75 10.22 4.09 -3.98
C GLY D 75 11.30 5.04 -3.52
N LYS D 76 12.05 5.54 -4.48
CA LYS D 76 13.18 6.42 -4.19
C LYS D 76 12.75 7.88 -4.21
N ILE D 77 13.64 8.73 -3.70
CA ILE D 77 13.37 10.14 -3.50
C ILE D 77 14.53 10.95 -4.06
N ILE D 78 14.23 12.10 -4.65
CA ILE D 78 15.23 13.09 -4.99
C ILE D 78 14.95 14.34 -4.18
N PHE D 79 16.00 14.90 -3.57
CA PHE D 79 15.88 16.03 -2.66
C PHE D 79 16.79 17.14 -3.17
N ILE D 80 16.20 18.26 -3.56
CA ILE D 80 16.96 19.43 -3.99
C ILE D 80 16.90 20.47 -2.87
N ASP D 81 18.08 20.91 -2.44
CA ASP D 81 18.23 21.68 -1.21
C ASP D 81 18.80 23.05 -1.58
N THR D 82 17.96 24.08 -1.47
CA THR D 82 18.40 25.46 -1.67
C THR D 82 18.69 26.19 -0.37
N GLU D 83 18.43 25.56 0.78
CA GLU D 83 18.50 26.21 2.08
C GLU D 83 19.62 25.69 2.97
N ASN D 84 20.32 24.63 2.56
CA ASN D 84 21.39 24.05 3.37
C ASN D 84 20.84 23.48 4.67
N THR D 85 19.68 22.85 4.58
CA THR D 85 19.00 22.33 5.77
C THR D 85 18.84 20.81 5.80
N PHE D 86 19.13 20.11 4.71
CA PHE D 86 19.01 18.66 4.72
C PHE D 86 20.02 18.04 5.67
N ARG D 87 19.55 17.13 6.52
CA ARG D 87 20.37 16.50 7.54
C ARG D 87 20.05 15.01 7.58
N PRO D 88 20.89 14.16 6.98
CA PRO D 88 20.64 12.71 7.05
C PRO D 88 20.45 12.19 8.46
N ASP D 89 21.06 12.82 9.47
CA ASP D 89 20.92 12.32 10.83
C ASP D 89 19.47 12.36 11.30
N ARG D 90 18.69 13.35 10.84
CA ARG D 90 17.26 13.35 11.14
C ARG D 90 16.58 12.13 10.55
N LEU D 91 17.02 11.68 9.37
CA LEU D 91 16.40 10.52 8.74
C LEU D 91 16.66 9.25 9.55
N ARG D 92 17.76 9.21 10.30
CA ARG D 92 18.04 8.04 11.13
C ARG D 92 16.99 7.89 12.24
N ASP D 93 16.70 8.99 12.95
CA ASP D 93 15.68 8.94 13.98
C ASP D 93 14.32 8.57 13.41
N ILE D 94 13.98 9.16 12.25
CA ILE D 94 12.68 8.87 11.64
C ILE D 94 12.62 7.42 11.18
N ALA D 95 13.71 6.92 10.58
CA ALA D 95 13.76 5.51 10.19
C ALA D 95 13.58 4.60 11.41
N ASP D 96 14.20 4.94 12.53
CA ASP D 96 14.01 4.17 13.76
C ASP D 96 12.54 4.07 14.12
N ARG D 97 11.84 5.21 14.10
CA ARG D 97 10.40 5.22 14.39
C ARG D 97 9.66 4.24 13.48
N PHE D 98 9.96 4.27 12.19
CA PHE D 98 9.28 3.40 11.23
C PHE D 98 9.95 2.04 11.09
N ASN D 99 10.93 1.72 11.94
CA ASN D 99 11.50 0.37 12.02
C ASN D 99 12.12 -0.06 10.69
N VAL D 100 12.91 0.83 10.09
CA VAL D 100 13.64 0.51 8.86
C VAL D 100 15.10 0.90 9.05
N ASP D 101 15.98 0.22 8.32
CA ASP D 101 17.42 0.38 8.49
C ASP D 101 17.87 1.75 8.01
N HIS D 102 18.87 2.30 8.70
CA HIS D 102 19.38 3.63 8.36
C HIS D 102 20.00 3.65 6.97
N ASP D 103 20.95 2.76 6.72
CA ASP D 103 21.73 2.83 5.49
C ASP D 103 20.85 2.63 4.26
N ALA D 104 19.86 1.73 4.35
CA ALA D 104 18.95 1.53 3.23
C ALA D 104 18.16 2.79 2.94
N VAL D 105 17.65 3.43 4.00
CA VAL D 105 16.93 4.69 3.84
C VAL D 105 17.81 5.73 3.15
N LEU D 106 19.05 5.86 3.62
CA LEU D 106 19.95 6.88 3.07
C LEU D 106 20.35 6.54 1.63
N ASP D 107 20.48 5.26 1.30
N ASP D 107 20.46 5.26 1.30
CA ASP D 107 20.83 4.89 -0.06
CA ASP D 107 20.84 4.89 -0.07
C ASP D 107 19.75 5.28 -1.06
C ASP D 107 19.75 5.25 -1.07
N ASN D 108 18.49 5.32 -0.63
CA ASN D 108 17.35 5.54 -1.52
C ASN D 108 17.00 7.02 -1.72
N VAL D 109 17.77 7.94 -1.17
CA VAL D 109 17.54 9.38 -1.38
C VAL D 109 18.71 9.94 -2.16
N LEU D 110 18.43 10.49 -3.33
CA LEU D 110 19.42 11.25 -4.09
C LEU D 110 19.33 12.72 -3.74
N TYR D 111 20.47 13.36 -3.54
CA TYR D 111 20.54 14.69 -2.92
C TYR D 111 21.43 15.61 -3.73
N ALA D 112 21.00 16.86 -3.89
CA ALA D 112 21.81 17.87 -4.54
C ALA D 112 21.53 19.24 -3.95
N ARG D 113 22.59 20.00 -3.70
CA ARG D 113 22.47 21.42 -3.35
C ARG D 113 22.37 22.24 -4.62
N ALA D 114 21.49 23.25 -4.60
CA ALA D 114 21.42 24.25 -5.66
C ALA D 114 21.90 25.57 -5.11
N TYR D 115 22.83 26.21 -5.83
CA TYR D 115 23.45 27.46 -5.37
C TYR D 115 23.01 28.68 -6.16
N THR D 116 22.37 28.50 -7.32
CA THR D 116 21.77 29.59 -8.07
C THR D 116 20.48 29.09 -8.70
N SER D 117 19.65 30.04 -9.14
CA SER D 117 18.38 29.64 -9.76
C SER D 117 18.62 28.91 -11.07
N GLU D 118 19.63 29.33 -11.84
CA GLU D 118 20.01 28.60 -13.05
C GLU D 118 20.48 27.19 -12.72
N HIS D 119 21.26 27.04 -11.65
CA HIS D 119 21.68 25.71 -11.22
C HIS D 119 20.48 24.86 -10.82
N GLN D 120 19.53 25.46 -10.09
CA GLN D 120 18.34 24.71 -9.70
C GLN D 120 17.60 24.18 -10.92
N MET D 121 17.47 25.00 -11.96
CA MET D 121 16.76 24.56 -13.16
C MET D 121 17.54 23.48 -13.91
N GLU D 122 18.87 23.59 -13.94
CA GLU D 122 19.68 22.56 -14.57
C GLU D 122 19.54 21.24 -13.84
N LEU D 123 19.60 21.27 -12.50
CA LEU D 123 19.40 20.05 -11.72
C LEU D 123 18.07 19.41 -12.04
N LEU D 124 17.02 20.21 -12.21
CA LEU D 124 15.69 19.66 -12.48
C LEU D 124 15.61 19.01 -13.85
N ASP D 125 16.43 19.46 -14.81
CA ASP D 125 16.48 18.76 -16.09
C ASP D 125 17.16 17.40 -15.94
N TYR D 126 18.18 17.30 -15.08
CA TYR D 126 18.77 16.01 -14.77
C TYR D 126 17.79 15.11 -14.02
N VAL D 127 16.96 15.70 -13.17
CA VAL D 127 15.92 14.93 -12.48
C VAL D 127 14.95 14.33 -13.49
N ALA D 128 14.49 15.14 -14.44
CA ALA D 128 13.57 14.64 -15.46
C ALA D 128 14.21 13.49 -16.24
N ALA D 129 15.48 13.64 -16.64
CA ALA D 129 16.17 12.58 -17.35
C ALA D 129 16.26 11.31 -16.51
N LYS D 130 16.52 11.46 -15.20
CA LYS D 130 16.64 10.30 -14.33
C LYS D 130 15.32 9.54 -14.21
N PHE D 131 14.23 10.27 -13.94
CA PHE D 131 12.91 9.63 -13.94
C PHE D 131 12.63 8.96 -15.28
N HIS D 132 13.05 9.60 -16.36
CA HIS D 132 12.78 9.10 -17.70
C HIS D 132 13.47 7.76 -17.95
N GLU D 133 14.65 7.55 -17.34
CA GLU D 133 15.38 6.30 -17.53
C GLU D 133 14.48 5.10 -17.24
N GLU D 134 13.73 5.16 -16.15
CA GLU D 134 12.81 4.07 -15.80
C GLU D 134 11.76 4.62 -14.84
N ALA D 135 10.51 4.69 -15.31
CA ALA D 135 9.42 5.11 -14.46
C ALA D 135 9.19 4.08 -13.36
N GLY D 136 8.56 4.55 -12.28
CA GLY D 136 8.24 3.69 -11.16
C GLY D 136 9.34 3.50 -10.15
N ILE D 137 10.58 3.87 -10.47
CA ILE D 137 11.65 3.76 -9.50
C ILE D 137 11.54 4.86 -8.45
N PHE D 138 11.47 6.12 -8.91
CA PHE D 138 11.33 7.26 -8.03
C PHE D 138 9.85 7.60 -7.85
N LYS D 139 9.49 8.01 -6.64
CA LYS D 139 8.12 8.36 -6.31
C LYS D 139 7.95 9.79 -5.82
N LEU D 140 9.02 10.46 -5.41
CA LEU D 140 8.91 11.75 -4.75
C LEU D 140 10.07 12.64 -5.17
N LEU D 141 9.74 13.89 -5.50
CA LEU D 141 10.72 14.95 -5.70
C LEU D 141 10.45 16.03 -4.67
N ILE D 142 11.45 16.34 -3.85
CA ILE D 142 11.36 17.41 -2.87
C ILE D 142 12.24 18.57 -3.32
N ILE D 143 11.70 19.78 -3.25
CA ILE D 143 12.46 21.00 -3.50
C ILE D 143 12.27 21.91 -2.31
N ASP D 144 13.31 22.03 -1.48
CA ASP D 144 13.31 22.85 -0.28
C ASP D 144 14.41 23.89 -0.45
N SER D 145 14.10 25.09 -0.96
CA SER D 145 12.75 25.57 -1.26
C SER D 145 12.62 25.99 -2.72
N ILE D 146 11.38 26.27 -3.15
CA ILE D 146 11.10 26.28 -4.58
C ILE D 146 11.65 27.52 -5.26
N MET D 147 11.66 28.67 -4.58
CA MET D 147 12.08 29.89 -5.27
C MET D 147 12.85 30.89 -4.41
N ALA D 148 13.48 30.47 -3.31
CA ALA D 148 14.37 31.37 -2.58
C ALA D 148 15.47 31.91 -3.50
N LEU D 149 16.00 31.04 -4.37
CA LEU D 149 17.10 31.45 -5.24
C LEU D 149 16.64 32.39 -6.35
N PHE D 150 15.36 32.34 -6.73
CA PHE D 150 14.85 33.30 -7.72
C PHE D 150 14.70 34.68 -7.13
N ARG D 151 14.34 34.78 -5.85
CA ARG D 151 14.40 36.08 -5.17
C ARG D 151 15.83 36.58 -5.08
N VAL D 152 16.78 35.66 -4.84
CA VAL D 152 18.18 36.05 -4.71
C VAL D 152 18.72 36.57 -6.04
N ASP D 153 18.51 35.81 -7.11
CA ASP D 153 19.09 36.16 -8.41
C ASP D 153 18.37 37.32 -9.10
N PHE D 154 17.16 37.66 -8.65
CA PHE D 154 16.37 38.74 -9.26
C PHE D 154 15.75 39.57 -8.12
N SER D 155 16.59 40.34 -7.42
CA SER D 155 16.16 41.03 -6.22
C SER D 155 15.61 42.42 -6.49
N GLY D 156 16.05 43.08 -7.57
CA GLY D 156 15.54 44.39 -7.88
C GLY D 156 14.18 44.35 -8.54
N ARG D 157 13.47 45.48 -8.46
CA ARG D 157 12.14 45.60 -9.04
C ARG D 157 12.17 45.85 -10.54
N GLY D 158 13.36 45.79 -11.17
CA GLY D 158 13.46 45.98 -12.60
C GLY D 158 13.69 44.68 -13.35
N GLU D 159 14.11 43.63 -12.62
CA GLU D 159 14.39 42.33 -13.21
C GLU D 159 13.26 41.34 -13.02
N LEU D 160 12.08 41.79 -12.60
CA LEU D 160 10.99 40.86 -12.31
C LEU D 160 10.54 40.12 -13.56
N ALA D 161 10.53 40.80 -14.70
CA ALA D 161 10.08 40.16 -15.94
C ALA D 161 10.83 38.86 -16.18
N GLU D 162 12.15 38.91 -16.21
CA GLU D 162 12.94 37.70 -16.45
C GLU D 162 12.77 36.71 -15.31
N ARG D 163 12.68 37.19 -14.07
CA ARG D 163 12.45 36.30 -12.93
C ARG D 163 11.16 35.52 -13.12
N GLN D 164 10.07 36.22 -13.42
CA GLN D 164 8.78 35.56 -13.61
C GLN D 164 8.82 34.56 -14.76
N GLN D 165 9.53 34.91 -15.84
CA GLN D 165 9.62 34.02 -17.00
C GLN D 165 10.36 32.73 -16.64
N LYS D 166 11.53 32.85 -16.02
CA LYS D 166 12.27 31.67 -15.60
C LYS D 166 11.48 30.85 -14.60
N LEU D 167 10.81 31.52 -13.67
CA LEU D 167 10.02 30.82 -12.65
C LEU D 167 8.88 30.05 -13.29
N ALA D 168 8.14 30.69 -14.20
CA ALA D 168 7.05 30.01 -14.89
C ALA D 168 7.57 28.81 -15.69
N GLN D 169 8.74 28.96 -16.32
CA GLN D 169 9.31 27.87 -17.11
C GLN D 169 9.66 26.68 -16.22
N MET D 170 10.33 26.93 -15.10
CA MET D 170 10.65 25.84 -14.19
C MET D 170 9.40 25.12 -13.70
N LEU D 171 8.36 25.89 -13.36
CA LEU D 171 7.18 25.29 -12.75
C LEU D 171 6.33 24.55 -13.76
N SER D 172 6.29 25.00 -15.02
CA SER D 172 5.58 24.21 -16.03
C SER D 172 6.32 22.90 -16.28
N ARG D 173 7.65 22.92 -16.27
CA ARG D 173 8.41 21.68 -16.36
C ARG D 173 8.14 20.78 -15.16
N LEU D 174 8.02 21.35 -13.96
CA LEU D 174 7.74 20.54 -12.78
C LEU D 174 6.38 19.87 -12.88
N GLN D 175 5.36 20.61 -13.31
CA GLN D 175 4.05 20.00 -13.52
C GLN D 175 4.16 18.82 -14.48
N LYS D 176 4.83 19.02 -15.62
CA LYS D 176 4.98 17.95 -16.60
C LYS D 176 5.74 16.77 -16.00
N ILE D 177 6.77 17.03 -15.21
CA ILE D 177 7.50 15.97 -14.53
C ILE D 177 6.54 15.17 -13.64
N SER D 178 5.75 15.88 -12.83
CA SER D 178 4.89 15.19 -11.89
C SER D 178 3.88 14.32 -12.61
N GLU D 179 3.33 14.80 -13.72
CA GLU D 179 2.24 14.12 -14.40
C GLU D 179 2.74 13.08 -15.40
N GLU D 180 3.88 13.30 -16.04
CA GLU D 180 4.40 12.34 -17.01
C GLU D 180 4.96 11.10 -16.31
N TYR D 181 5.65 11.28 -15.19
CA TYR D 181 6.35 10.19 -14.53
C TYR D 181 5.63 9.70 -13.28
N ASN D 182 4.43 10.21 -13.00
CA ASN D 182 3.63 9.81 -11.85
C ASN D 182 4.46 9.86 -10.56
N VAL D 183 4.93 11.06 -10.23
CA VAL D 183 5.64 11.30 -8.99
C VAL D 183 4.92 12.41 -8.23
N ALA D 184 5.02 12.34 -6.91
CA ALA D 184 4.63 13.45 -6.06
C ALA D 184 5.75 14.47 -6.03
N VAL D 185 5.41 15.75 -6.20
CA VAL D 185 6.36 16.84 -6.08
C VAL D 185 5.98 17.63 -4.85
N PHE D 186 6.88 17.67 -3.86
CA PHE D 186 6.66 18.43 -2.64
C PHE D 186 7.67 19.58 -2.58
N VAL D 187 7.17 20.80 -2.41
CA VAL D 187 8.04 21.96 -2.33
C VAL D 187 7.67 22.80 -1.12
N THR D 188 8.68 23.41 -0.51
CA THR D 188 8.48 24.38 0.55
C THR D 188 8.61 25.79 -0.01
N ASN D 189 8.05 26.75 0.70
CA ASN D 189 8.05 28.13 0.22
C ASN D 189 8.06 29.06 1.42
N GLN D 190 8.52 30.28 1.18
CA GLN D 190 8.56 31.33 2.20
C GLN D 190 7.33 32.22 2.11
N MET D 191 7.19 33.08 3.11
CA MET D 191 6.09 34.04 3.16
C MET D 191 6.65 35.45 3.28
N THR D 192 5.81 36.42 2.94
CA THR D 192 6.20 37.83 3.00
C THR D 192 5.03 38.69 3.47
N LYS D 206 0.18 38.02 6.06
CA LYS D 206 1.20 37.12 5.54
C LYS D 206 0.65 36.27 4.40
N LYS D 207 1.39 36.21 3.29
CA LYS D 207 1.02 35.43 2.13
C LYS D 207 2.27 34.70 1.62
N PRO D 208 2.07 33.63 0.86
CA PRO D 208 3.23 33.00 0.21
C PRO D 208 3.74 33.86 -0.93
N ILE D 209 5.07 33.82 -1.13
CA ILE D 209 5.69 34.52 -2.25
C ILE D 209 5.44 33.70 -3.51
N GLY D 210 5.71 34.29 -4.67
CA GLY D 210 5.56 33.62 -5.94
C GLY D 210 4.35 34.06 -6.74
N GLY D 211 3.39 34.74 -6.12
CA GLY D 211 2.26 35.30 -6.83
C GLY D 211 1.46 34.27 -7.60
N HIS D 212 0.85 34.72 -8.70
CA HIS D 212 0.00 33.85 -9.50
C HIS D 212 0.75 32.63 -10.04
N ILE D 213 2.04 32.80 -10.37
CA ILE D 213 2.79 31.72 -11.00
C ILE D 213 2.82 30.50 -10.09
N LEU D 214 3.28 30.68 -8.85
CA LEU D 214 3.36 29.55 -7.92
C LEU D 214 1.98 29.09 -7.49
N ALA D 215 1.04 30.03 -7.30
CA ALA D 215 -0.32 29.65 -6.94
C ALA D 215 -0.90 28.70 -7.98
N HIS D 216 -0.75 29.03 -9.26
CA HIS D 216 -1.31 28.20 -10.33
C HIS D 216 -0.61 26.84 -10.39
N ALA D 217 0.72 26.82 -10.26
CA ALA D 217 1.47 25.59 -10.49
C ALA D 217 1.16 24.53 -9.44
N SER D 218 1.00 24.95 -8.18
CA SER D 218 0.75 24.01 -7.10
C SER D 218 -0.70 23.57 -7.12
N THR D 219 -0.92 22.26 -7.09
CA THR D 219 -2.29 21.74 -7.06
C THR D 219 -2.86 21.77 -5.64
N THR D 220 -2.01 21.65 -4.63
CA THR D 220 -2.44 21.76 -3.23
C THR D 220 -1.44 22.67 -2.51
N ARG D 221 -1.96 23.62 -1.73
CA ARG D 221 -1.14 24.54 -0.97
C ARG D 221 -1.49 24.44 0.51
N ILE D 222 -0.48 24.32 1.35
CA ILE D 222 -0.67 24.05 2.78
C ILE D 222 0.04 25.14 3.56
N SER D 223 -0.72 25.82 4.43
CA SER D 223 -0.16 26.76 5.39
C SER D 223 0.13 26.03 6.70
N LEU D 224 1.34 26.19 7.22
CA LEU D 224 1.73 25.58 8.49
C LEU D 224 1.91 26.68 9.52
N ARG D 225 1.39 26.47 10.72
CA ARG D 225 1.52 27.44 11.80
C ARG D 225 1.61 26.70 13.12
N LYS D 226 2.00 27.44 14.16
CA LYS D 226 2.16 26.86 15.48
C LYS D 226 0.81 26.78 16.19
N GLY D 227 0.59 25.67 16.88
CA GLY D 227 -0.61 25.46 17.68
C GLY D 227 -0.33 25.65 19.16
N ARG D 228 -1.20 25.08 19.97
CA ARG D 228 -1.01 25.14 21.41
C ARG D 228 0.21 24.31 21.81
N GLY D 229 1.01 24.87 22.71
CA GLY D 229 2.19 24.16 23.18
C GLY D 229 3.11 23.82 22.04
N GLU D 230 3.39 22.52 21.88
CA GLU D 230 4.31 22.03 20.88
C GLU D 230 3.61 21.51 19.62
N LEU D 231 2.30 21.69 19.53
CA LEU D 231 1.55 21.21 18.38
C LEU D 231 1.67 22.17 17.21
N ARG D 232 1.43 21.63 16.01
CA ARG D 232 1.41 22.41 14.79
C ARG D 232 0.06 22.23 14.09
N ILE D 233 -0.25 23.17 13.20
CA ILE D 233 -1.52 23.18 12.48
C ILE D 233 -1.24 23.35 11.00
N ALA D 234 -1.84 22.49 10.18
CA ALA D 234 -1.81 22.61 8.73
C ALA D 234 -3.18 22.99 8.23
N LYS D 235 -3.23 23.91 7.26
CA LYS D 235 -4.48 24.40 6.71
C LYS D 235 -4.36 24.53 5.20
N ILE D 236 -5.49 24.40 4.52
CA ILE D 236 -5.55 24.63 3.08
C ILE D 236 -5.57 26.15 2.84
N TYR D 237 -4.62 26.64 2.07
CA TYR D 237 -4.46 28.08 1.89
C TYR D 237 -5.62 28.66 1.09
N ASP D 238 -6.00 29.89 1.45
CA ASP D 238 -7.02 30.65 0.74
C ASP D 238 -8.40 29.98 0.84
N SER D 239 -8.56 29.04 1.76
CA SER D 239 -9.85 28.41 2.00
C SER D 239 -10.52 29.05 3.21
N PRO D 240 -11.85 28.92 3.33
CA PRO D 240 -12.55 29.56 4.45
C PRO D 240 -12.06 29.04 5.79
N GLU D 241 -12.25 29.86 6.82
CA GLU D 241 -11.82 29.55 8.19
C GLU D 241 -12.81 28.55 8.78
N MET D 242 -12.53 27.26 8.57
CA MET D 242 -13.41 26.21 9.06
C MET D 242 -12.56 25.01 9.46
N PRO D 243 -13.05 24.16 10.36
CA PRO D 243 -12.17 23.10 10.91
C PRO D 243 -11.80 22.04 9.90
N GLU D 244 -12.71 21.66 9.01
CA GLU D 244 -12.43 20.59 8.06
C GLU D 244 -11.19 20.90 7.23
N ASN D 245 -10.94 22.19 6.95
CA ASN D 245 -9.77 22.60 6.20
C ASN D 245 -8.52 22.72 7.06
N GLU D 246 -8.55 22.21 8.30
CA GLU D 246 -7.40 22.27 9.19
C GLU D 246 -7.12 20.89 9.78
N ALA D 247 -5.86 20.67 10.15
CA ALA D 247 -5.44 19.44 10.80
C ALA D 247 -4.34 19.77 11.81
N THR D 248 -4.41 19.13 12.98
CA THR D 248 -3.40 19.26 14.02
C THR D 248 -2.44 18.08 13.94
N PHE D 249 -1.14 18.37 14.05
CA PHE D 249 -0.12 17.32 14.06
C PHE D 249 0.97 17.71 15.06
N ALA D 250 1.81 16.73 15.38
CA ALA D 250 2.90 16.90 16.34
C ALA D 250 4.23 16.63 15.67
N ILE D 251 5.28 17.18 16.26
CA ILE D 251 6.65 17.00 15.78
C ILE D 251 7.44 16.31 16.88
N THR D 252 8.16 15.25 16.50
CA THR D 252 9.01 14.52 17.43
C THR D 252 10.33 14.24 16.73
N ALA D 253 11.27 13.66 17.49
CA ALA D 253 12.50 13.19 16.88
C ALA D 253 12.21 12.19 15.77
N GLY D 254 11.09 11.46 15.88
CA GLY D 254 10.66 10.52 14.87
C GLY D 254 9.92 11.13 13.69
N GLY D 255 9.81 12.45 13.64
CA GLY D 255 9.21 13.12 12.51
C GLY D 255 7.79 13.58 12.75
N ILE D 256 7.07 13.80 11.66
CA ILE D 256 5.69 14.25 11.73
C ILE D 256 4.82 13.11 12.26
N GLY D 257 4.02 13.40 13.28
CA GLY D 257 3.16 12.39 13.87
C GLY D 257 1.85 12.96 14.39
N ASP D 258 1.10 12.13 15.11
CA ASP D 258 -0.19 12.55 15.65
C ASP D 258 -0.02 13.11 17.05
N ALA D 259 -0.87 14.08 17.38
CA ALA D 259 -0.88 14.61 18.73
C ALA D 259 -1.24 13.52 19.73
N LYS D 260 -0.50 13.47 20.83
CA LYS D 260 -0.74 12.49 21.88
C LYS D 260 -1.68 13.07 22.93
N GLU D 261 -1.90 12.33 24.01
CA GLU D 261 -2.78 12.76 25.09
C GLU D 261 -2.21 12.36 26.45
C1 EDO E . 12.56 -30.44 -0.15
O1 EDO E . 12.68 -29.02 -0.29
C2 EDO E . 11.15 -30.80 0.30
O2 EDO E . 11.04 -32.21 0.46
H11 EDO E . 13.30 -30.80 0.57
H12 EDO E . 12.78 -30.92 -1.11
HO1 EDO E . 13.58 -28.80 -0.58
H21 EDO E . 10.43 -30.44 -0.44
H22 EDO E . 10.94 -30.30 1.25
HO2 EDO E . 10.13 -32.43 0.73
C1 EDO F . 13.14 -19.94 2.53
O1 EDO F . 11.83 -19.63 2.03
C2 EDO F . 13.42 -21.42 2.36
O2 EDO F . 14.58 -21.79 3.11
H11 EDO F . 13.21 -19.66 3.58
H12 EDO F . 13.88 -19.37 1.97
HO1 EDO F . 11.62 -18.71 2.22
H21 EDO F . 13.56 -21.66 1.31
H22 EDO F . 12.56 -22.01 2.73
HO2 EDO F . 14.75 -22.74 3.01
C1 PEG G . -12.32 28.23 -38.50
O1 PEG G . -12.72 28.92 -39.66
C2 PEG G . -11.72 29.22 -37.51
O2 PEG G . -10.79 28.57 -36.69
C3 PEG G . -9.89 29.41 -36.04
C4 PEG G . -8.47 29.16 -36.57
O4 PEG G . -7.99 27.96 -36.05
H11 PEG G . -11.65 27.57 -38.74
H12 PEG G . -13.09 27.80 -38.10
HO1 PEG G . -13.33 29.47 -39.47
H21 PEG G . -12.43 29.60 -36.96
H22 PEG G . -11.27 29.94 -38.00
H31 PEG G . -9.91 29.24 -35.09
H32 PEG G . -10.13 30.34 -36.21
H41 PEG G . -7.89 29.88 -36.29
H42 PEG G . -8.50 29.11 -37.54
HO4 PEG G . -7.46 28.11 -35.41
O1 PG4 H . -11.01 32.23 -41.39
C1 PG4 H . -12.15 32.50 -42.14
C2 PG4 H . -12.88 33.72 -41.57
O2 PG4 H . -11.96 34.76 -41.38
C3 PG4 H . -12.55 35.96 -40.97
C4 PG4 H . -11.47 36.89 -40.40
O3 PG4 H . -11.16 36.49 -39.10
C5 PG4 H . -10.41 37.42 -38.38
C6 PG4 H . -10.04 36.83 -37.03
O4 PG4 H . -9.46 35.57 -37.22
C7 PG4 H . -8.90 35.00 -36.07
C8 PG4 H . -7.91 33.92 -36.50
O5 PG4 H . -8.58 32.87 -37.12
HO1 PG4 H . -10.61 31.54 -41.71
H11 PG4 H . -11.91 32.67 -43.07
H12 PG4 H . -12.75 31.73 -42.12
H21 PG4 H . -13.28 33.49 -40.73
H22 PG4 H . -13.57 34.01 -42.19
H31 PG4 H . -13.22 35.78 -40.29
H32 PG4 H . -12.98 36.39 -41.73
H41 PG4 H . -11.80 37.80 -40.39
H42 PG4 H . -10.68 36.85 -40.95
H51 PG4 H . -10.94 38.22 -38.24
H52 PG4 H . -9.60 37.64 -38.87
H61 PG4 H . -10.83 36.75 -36.48
H62 PG4 H . -9.40 37.42 -36.58
H71 PG4 H . -8.44 35.68 -35.56
H72 PG4 H . -9.60 34.61 -35.53
H81 PG4 H . -7.26 34.30 -37.11
H82 PG4 H . -7.44 33.58 -35.72
HO5 PG4 H . -8.03 32.33 -37.47
O1 P6G I . -2.51 23.55 -36.90
C2 P6G I . -2.13 22.30 -36.39
C3 P6G I . -3.17 21.26 -36.78
O4 P6G I . -3.29 21.21 -38.18
C5 P6G I . -3.70 19.97 -38.66
C6 P6G I . -3.95 20.08 -40.17
O7 P6G I . -4.51 21.33 -40.45
C8 P6G I . -5.04 21.46 -41.74
C9 P6G I . -6.08 22.57 -41.74
O10 P6G I . -7.08 22.27 -40.80
C11 P6G I . -8.11 23.21 -40.71
C12 P6G I . -7.59 24.48 -40.02
O13 P6G I . -8.65 25.25 -39.53
C14 P6G I . -9.45 25.89 -40.50
C15 P6G I . -8.76 27.16 -41.00
O16 P6G I . -9.24 27.46 -42.28
C17 P6G I . -8.84 28.69 -42.80
C18 P6G I . -7.45 28.55 -43.43
O19 P6G I . -6.70 29.70 -43.15
H1 P6G I . -2.25 24.16 -36.36
H21 P6G I . -1.27 22.05 -36.76
H22 P6G I . -2.07 22.36 -35.42
H31 P6G I . -2.90 20.38 -36.45
H32 P6G I . -4.03 21.50 -36.39
H51 P6G I . -3.01 19.30 -38.50
H52 P6G I . -4.52 19.70 -38.21
H61 P6G I . -3.11 19.98 -40.65
H62 P6G I . -4.57 19.38 -40.44
H81 P6G I . -4.33 21.68 -42.35
H82 P6G I . -5.45 20.62 -42.01
H91 P6G I . -5.66 23.41 -41.51
H92 P6G I . -6.49 22.63 -42.62
H111 P6G I . -8.43 23.43 -41.60
H112 P6G I . -8.84 22.84 -40.20
H121 P6G I . -7.01 24.22 -39.28
H122 P6G I . -7.09 25.00 -40.66
H141 P6G I . -9.59 25.29 -41.24
H142 P6G I . -10.29 26.13 -40.10
H151 P6G I . -8.95 27.89 -40.40
H152 P6G I . -7.80 27.02 -41.04
H171 P6G I . -9.47 28.98 -43.47
H172 P6G I . -8.81 29.34 -42.09
H181 P6G I . -7.54 28.45 -44.39
H182 P6G I . -7.00 27.78 -43.05
H19 P6G I . -6.16 29.85 -43.79
O1 P6G J . 12.12 16.99 -26.01
C2 P6G J . 11.20 16.07 -26.51
C3 P6G J . 11.44 14.70 -25.90
O4 P6G J . 10.90 14.64 -24.60
C5 P6G J . 11.65 15.31 -23.62
C6 P6G J . 11.45 14.60 -22.28
O7 P6G J . 12.56 14.87 -21.47
C8 P6G J . 12.98 13.83 -20.64
C9 P6G J . 14.52 13.84 -20.60
O10 P6G J . 15.01 12.96 -21.56
C11 P6G J . 16.39 12.73 -21.48
C12 P6G J . 17.00 12.75 -22.87
O13 P6G J . 17.91 13.81 -22.97
C14 P6G J . 19.26 13.47 -22.85
C15 P6G J . 19.62 13.26 -21.39
O16 P6G J . 19.44 14.45 -20.68
C17 P6G J . 20.42 14.70 -19.71
C18 P6G J . 20.08 16.00 -18.96
O19 P6G J . 20.08 17.08 -19.85
H1 P6G J . 12.56 17.34 -26.66
H21 P6G J . 10.29 16.37 -26.29
H22 P6G J . 11.28 16.01 -27.48
H31 P6G J . 11.03 14.02 -26.45
H32 P6G J . 12.40 14.54 -25.85
H51 P6G J . 12.58 15.29 -23.86
H52 P6G J . 11.35 16.23 -23.56
H61 P6G J . 10.65 14.93 -21.85
H62 P6G J . 11.37 13.64 -22.42
H81 P6G J . 12.63 13.96 -19.75
H82 P6G J . 12.67 12.98 -21.00
H91 P6G J . 14.83 14.74 -20.78
H92 P6G J . 14.81 13.56 -19.71
H111 P6G J . 16.79 13.43 -20.93
H112 P6G J . 16.55 11.87 -21.06
H121 P6G J . 17.47 11.91 -23.02
H122 P6G J . 16.30 12.85 -23.53
H141 P6G J . 19.44 12.66 -23.35
H142 P6G J . 19.80 14.19 -23.21
H151 P6G J . 19.06 12.57 -21.01
H152 P6G J . 20.55 12.99 -21.33
H171 P6G J . 21.29 14.80 -20.15
H172 P6G J . 20.45 13.97 -19.08
H181 P6G J . 19.21 15.91 -18.55
H182 P6G J . 20.75 16.15 -18.28
H19 P6G J . 20.76 17.56 -19.71
C1 PEG K . 23.32 12.59 -22.73
O1 PEG K . 24.65 12.95 -23.02
C2 PEG K . 22.62 12.18 -24.02
O2 PEG K . 22.67 13.24 -24.93
C3 PEG K . 21.53 13.39 -25.73
C4 PEG K . 21.59 14.73 -26.46
O4 PEG K . 20.29 15.21 -26.67
H11 PEG K . 22.86 13.34 -22.33
H12 PEG K . 23.32 11.84 -22.11
HO1 PEG K . 25.01 13.28 -22.31
H21 PEG K . 21.70 11.97 -23.83
H22 PEG K . 23.06 11.41 -24.41
H31 PEG K . 20.74 13.37 -25.16
H32 PEG K . 21.48 12.67 -26.38
H41 PEG K . 22.03 14.62 -27.32
H42 PEG K . 22.09 15.37 -25.92
HO4 PEG K . 20.30 15.81 -27.28
OH2 1PE L . 7.32 16.93 -23.78
C12 1PE L . 8.53 17.62 -24.00
C22 1PE L . 9.21 17.92 -22.67
OH3 1PE L . 10.19 18.90 -22.85
C13 1PE L . 9.64 20.78 -21.45
C23 1PE L . 9.70 20.22 -22.87
OH4 1PE L . 9.25 22.12 -21.50
C14 1PE L . 7.15 23.28 -21.39
C24 1PE L . 8.23 22.51 -20.62
OH5 1PE L . 6.05 22.45 -21.60
C15 1PE L . 4.86 22.28 -23.67
C25 1PE L . 5.01 23.03 -22.35
OH6 1PE L . 4.03 21.16 -23.46
C16 1PE L . 3.43 18.89 -23.94
C26 1PE L . 4.22 20.13 -24.39
OH7 1PE L . 4.33 17.84 -23.69
HO2 1PE L . 6.78 17.10 -24.40
H121 1PE L . 9.11 17.07 -24.56
H122 1PE L . 8.33 18.45 -24.47
H221 1PE L . 8.55 18.24 -22.04
H222 1PE L . 9.63 17.11 -22.34
H131 1PE L . 8.99 20.27 -20.93
H132 1PE L . 10.51 20.70 -21.02
H231 1PE L . 10.30 20.77 -23.40
H232 1PE L . 8.82 20.23 -23.26
H141 1PE L . 6.88 24.06 -20.86
H142 1PE L . 7.51 23.59 -22.23
H241 1PE L . 7.83 21.73 -20.22
H242 1PE L . 8.61 23.09 -19.94
H151 1PE L . 5.73 21.97 -23.97
H152 1PE L . 4.45 22.86 -24.33
H251 1PE L . 4.19 23.00 -21.86
H252 1PE L . 5.24 23.96 -22.54
H161 1PE L . 2.81 18.64 -24.64
H162 1PE L . 2.94 19.10 -23.12
H261 1PE L . 3.91 20.41 -25.25
H262 1PE L . 5.17 19.91 -24.44
HO7 1PE L . 4.85 17.74 -24.35
#